data_9FF4
#
_entry.id   9FF4
#
_cell.length_a   68.634
_cell.length_b   70.546
_cell.length_c   95.468
_cell.angle_alpha   89.773
_cell.angle_beta   81.625
_cell.angle_gamma   60.911
#
_symmetry.space_group_name_H-M   'P 1'
#
loop_
_entity.id
_entity.type
_entity.pdbx_description
1 polymer 'HTH-type transcriptional regulator Hpr'
2 polymer "DNA (5'-D(*TP*AP*AP*TP*AP*AP*AP*AP*TP*AP*AP*AP*AP*AP*AP*AP*TP*C)-3')"
3 polymer "DNA (5'-D(*AP*GP*AP*TP*TP*TP*TP*TP*TP*TP*AP*TP*TP*TP*TP*AP*T)-3')"
4 non-polymer 'HEXAETHYLENE GLYCOL'
5 non-polymer 'MAGNESIUM ION'
6 water water
#
loop_
_entity_poly.entity_id
_entity_poly.type
_entity_poly.pdbx_seq_one_letter_code
_entity_poly.pdbx_strand_id
1 'polypeptide(L)'
;MKATEQHYSIKEAMLFSQRIAQLSKALWKSIEKDWQRWIKPFDLNINEHHILWIAYHFKGASISEIAKFGVMHVSTAFNF
SKKLEEKGLLSFSKKQDDKRNTYIELTEKGEEVLMKLMETYDPTKNAVFNGALPLRELYGKFPEILEMMCIVRNIYGDDF
MEIFERAFENIKEDFIEQDGKLVKRKPKTEEHEKELASQANHHHHHH
;
B,C,A,D
2 'polydeoxyribonucleotide' (DT)(DA)(DA)(DT)(DA)(DA)(DA)(DA)(DT)(DA)(DA)(DA)(DA)(DA)(DA)(DA)(DT)(DC) H,M,G,K
3 'polydeoxyribonucleotide' (DA)(DG)(DA)(DT)(DT)(DT)(DT)(DT)(DT)(DT)(DA)(DT)(DT)(DT)(DT)(DA)(DT)(DT) L,F,J,N
#
# COMPACT_ATOMS: atom_id res chain seq x y z
N HIS A 7 -15.87 -16.03 -1.24
CA HIS A 7 -15.40 -17.41 -1.38
C HIS A 7 -14.09 -17.44 -2.19
N TYR A 8 -13.26 -18.45 -1.90
CA TYR A 8 -11.86 -18.47 -2.30
C TYR A 8 -11.46 -19.84 -2.79
N SER A 9 -10.47 -19.85 -3.69
CA SER A 9 -9.86 -21.11 -4.07
C SER A 9 -8.97 -21.62 -2.96
N ILE A 10 -8.86 -22.94 -2.89
CA ILE A 10 -8.00 -23.55 -1.88
C ILE A 10 -6.55 -23.27 -2.24
N LYS A 11 -6.25 -23.32 -3.53
CA LYS A 11 -4.91 -22.94 -3.99
C LYS A 11 -4.57 -21.54 -3.53
N GLU A 12 -5.40 -20.56 -3.90
CA GLU A 12 -5.18 -19.15 -3.54
C GLU A 12 -5.02 -18.96 -2.05
N ALA A 13 -5.58 -19.85 -1.23
CA ALA A 13 -5.30 -19.76 0.21
C ALA A 13 -3.90 -20.29 0.52
N MET A 14 -3.59 -21.50 0.05
CA MET A 14 -2.24 -22.04 0.24
C MET A 14 -1.19 -21.06 -0.22
N LEU A 15 -1.44 -20.38 -1.33
CA LEU A 15 -0.48 -19.41 -1.84
C LEU A 15 -0.27 -18.30 -0.82
N PHE A 16 -1.37 -17.73 -0.32
CA PHE A 16 -1.27 -16.65 0.66
C PHE A 16 -0.70 -17.14 1.97
N SER A 17 -1.09 -18.36 2.39
CA SER A 17 -0.66 -18.88 3.69
C SER A 17 0.83 -19.19 3.69
N GLN A 18 1.32 -19.78 2.61
CA GLN A 18 2.75 -20.10 2.60
C GLN A 18 3.58 -18.83 2.47
N ARG A 19 3.08 -17.82 1.75
CA ARG A 19 3.89 -16.64 1.48
C ARG A 19 4.10 -15.81 2.74
N ILE A 20 3.04 -15.65 3.55
CA ILE A 20 3.12 -14.86 4.78
C ILE A 20 3.78 -15.66 5.88
N ALA A 21 3.75 -17.00 5.79
CA ALA A 21 4.56 -17.82 6.69
C ALA A 21 6.03 -17.48 6.53
N GLN A 22 6.54 -17.72 5.32
CA GLN A 22 7.94 -17.45 5.04
C GLN A 22 8.28 -16.02 5.45
N LEU A 23 7.48 -15.06 4.99
CA LEU A 23 7.74 -13.66 5.32
C LEU A 23 7.77 -13.43 6.82
N SER A 24 6.80 -13.96 7.57
CA SER A 24 6.80 -13.57 8.97
C SER A 24 7.90 -14.30 9.72
N LYS A 25 8.32 -15.46 9.21
CA LYS A 25 9.46 -16.15 9.83
C LYS A 25 10.77 -15.45 9.49
N ALA A 26 10.93 -15.01 8.24
CA ALA A 26 12.12 -14.25 7.87
C ALA A 26 12.26 -13.01 8.73
N LEU A 27 11.28 -12.13 8.68
CA LEU A 27 11.09 -11.17 9.74
C LEU A 27 10.99 -11.90 11.08
N TRP A 28 11.07 -11.15 12.16
CA TRP A 28 11.13 -11.70 13.52
C TRP A 28 12.36 -12.54 13.84
N LYS A 29 12.78 -13.48 12.99
CA LYS A 29 14.07 -14.12 13.23
C LYS A 29 15.20 -13.09 13.08
N SER A 30 15.23 -12.38 11.94
CA SER A 30 16.00 -11.14 11.84
C SER A 30 15.73 -10.20 13.01
N ILE A 31 14.49 -10.08 13.48
CA ILE A 31 14.28 -9.13 14.57
C ILE A 31 14.79 -9.71 15.89
N GLU A 32 14.58 -11.02 16.10
CA GLU A 32 14.96 -11.65 17.36
C GLU A 32 16.45 -11.58 17.57
N LYS A 33 17.22 -11.97 16.54
CA LYS A 33 18.69 -11.84 16.56
C LYS A 33 19.13 -10.46 17.02
N ASP A 34 18.63 -9.40 16.37
CA ASP A 34 19.14 -8.07 16.71
C ASP A 34 18.67 -7.61 18.07
N TRP A 35 17.52 -8.13 18.50
CA TRP A 35 16.98 -7.83 19.83
C TRP A 35 17.81 -8.49 20.94
N GLN A 36 18.17 -9.76 20.75
CA GLN A 36 18.93 -10.46 21.79
C GLN A 36 20.39 -10.00 21.84
N ARG A 37 20.96 -9.63 20.69
CA ARG A 37 22.30 -9.06 20.68
C ARG A 37 22.37 -7.75 21.48
N TRP A 38 21.30 -6.96 21.43
CA TRP A 38 21.29 -5.63 22.02
C TRP A 38 21.14 -5.68 23.53
N ILE A 39 20.45 -6.71 24.05
CA ILE A 39 20.14 -6.79 25.46
C ILE A 39 20.84 -7.93 26.17
N LYS A 40 21.55 -8.79 25.44
CA LYS A 40 22.41 -9.76 26.12
C LYS A 40 23.43 -9.09 27.04
N PRO A 41 24.07 -7.97 26.67
CA PRO A 41 24.98 -7.33 27.64
C PRO A 41 24.37 -7.15 29.02
N PHE A 42 23.08 -6.82 29.08
CA PHE A 42 22.42 -6.62 30.36
C PHE A 42 21.85 -7.92 30.92
N ASP A 43 22.15 -9.04 30.27
CA ASP A 43 21.70 -10.37 30.71
C ASP A 43 20.17 -10.42 30.91
N LEU A 44 19.44 -9.96 29.90
CA LEU A 44 18.00 -10.07 29.78
C LEU A 44 17.73 -10.92 28.55
N ASN A 45 16.71 -11.79 28.62
CA ASN A 45 16.21 -12.45 27.42
C ASN A 45 15.05 -11.64 26.83
N ILE A 46 14.64 -12.06 25.62
CA ILE A 46 13.68 -11.25 24.87
C ILE A 46 12.39 -11.06 25.66
N ASN A 47 11.71 -12.16 26.03
CA ASN A 47 10.44 -11.99 26.73
C ASN A 47 10.62 -11.19 28.01
N GLU A 48 11.70 -11.45 28.75
CA GLU A 48 11.96 -10.66 29.95
C GLU A 48 11.89 -9.17 29.64
N HIS A 49 12.73 -8.72 28.70
CA HIS A 49 12.74 -7.32 28.32
C HIS A 49 11.36 -6.86 27.85
N HIS A 50 10.65 -7.71 27.10
CA HIS A 50 9.31 -7.35 26.68
C HIS A 50 8.41 -7.13 27.89
N ILE A 51 8.53 -7.99 28.91
CA ILE A 51 7.71 -7.86 30.12
C ILE A 51 7.93 -6.49 30.76
N LEU A 52 9.20 -6.12 30.97
CA LEU A 52 9.54 -4.84 31.57
C LEU A 52 8.98 -3.69 30.75
N TRP A 53 9.08 -3.76 29.42
CA TRP A 53 8.42 -2.75 28.60
C TRP A 53 6.91 -2.81 28.74
N ILE A 54 6.33 -4.02 28.88
CA ILE A 54 4.90 -4.10 29.11
C ILE A 54 4.53 -3.37 30.39
N ALA A 55 5.34 -3.55 31.44
CA ALA A 55 5.01 -2.92 32.72
C ALA A 55 5.23 -1.41 32.67
N TYR A 56 6.25 -0.94 31.95
CA TYR A 56 6.49 0.50 31.89
C TYR A 56 5.31 1.23 31.24
N HIS A 57 4.75 0.66 30.17
CA HIS A 57 3.65 1.34 29.47
C HIS A 57 2.32 1.05 30.13
N PHE A 58 2.17 -0.12 30.73
CA PHE A 58 0.93 -0.61 31.32
C PHE A 58 1.27 -0.96 32.77
N LYS A 59 1.33 0.04 33.64
CA LYS A 59 1.66 -0.22 35.04
C LYS A 59 0.55 -1.02 35.70
N GLY A 60 0.93 -1.95 36.58
CA GLY A 60 -0.03 -2.73 37.33
C GLY A 60 -0.69 -3.88 36.59
N ALA A 61 -0.19 -4.27 35.43
CA ALA A 61 -0.84 -5.31 34.64
C ALA A 61 -0.85 -6.64 35.37
N SER A 62 -1.75 -7.52 34.95
CA SER A 62 -1.82 -8.86 35.49
C SER A 62 -0.99 -9.79 34.63
N ILE A 63 -0.66 -10.95 35.20
CA ILE A 63 0.19 -11.90 34.48
C ILE A 63 -0.41 -12.22 33.12
N SER A 64 -1.72 -12.47 33.09
CA SER A 64 -2.41 -12.75 31.84
C SER A 64 -2.46 -11.52 30.96
N GLU A 65 -2.53 -10.35 31.57
CA GLU A 65 -2.50 -9.12 30.80
C GLU A 65 -1.13 -8.89 30.14
N ILE A 66 -0.03 -9.05 30.88
CA ILE A 66 1.27 -8.89 30.20
C ILE A 66 1.49 -10.04 29.23
N ALA A 67 0.94 -11.22 29.53
CA ALA A 67 1.08 -12.28 28.55
C ALA A 67 0.24 -12.00 27.31
N LYS A 68 -0.72 -11.08 27.41
CA LYS A 68 -1.44 -10.62 26.23
C LYS A 68 -0.58 -9.68 25.39
N PHE A 69 -0.02 -8.64 26.01
CA PHE A 69 0.57 -7.54 25.24
C PHE A 69 1.94 -7.93 24.69
N GLY A 70 2.78 -8.58 25.50
CA GLY A 70 3.87 -9.34 24.97
C GLY A 70 3.25 -10.62 24.46
N VAL A 71 3.75 -11.10 23.32
CA VAL A 71 3.12 -12.26 22.72
C VAL A 71 3.62 -13.54 23.36
N MET A 72 3.19 -13.84 24.58
CA MET A 72 3.72 -14.99 25.31
C MET A 72 2.63 -15.67 26.13
N HIS A 73 2.83 -16.97 26.30
CA HIS A 73 2.05 -17.80 27.20
C HIS A 73 2.00 -17.22 28.60
N VAL A 74 0.95 -17.62 29.34
CA VAL A 74 0.81 -17.16 30.72
C VAL A 74 1.89 -17.78 31.59
N SER A 75 2.26 -19.03 31.30
CA SER A 75 3.32 -19.66 32.07
C SER A 75 4.63 -18.91 31.88
N THR A 76 4.99 -18.63 30.61
CA THR A 76 6.22 -17.91 30.36
C THR A 76 6.27 -16.62 31.16
N ALA A 77 5.14 -15.90 31.23
CA ALA A 77 5.14 -14.62 31.93
C ALA A 77 5.37 -14.81 33.42
N PHE A 78 4.71 -15.78 34.02
CA PHE A 78 4.91 -15.97 35.46
C PHE A 78 6.35 -16.36 35.76
N ASN A 79 6.87 -17.39 35.09
CA ASN A 79 8.24 -17.83 35.35
C ASN A 79 9.26 -16.73 35.06
N PHE A 80 9.19 -16.10 33.87
CA PHE A 80 10.21 -15.08 33.55
C PHE A 80 10.02 -13.82 34.39
N SER A 81 8.79 -13.57 34.88
CA SER A 81 8.58 -12.36 35.69
C SER A 81 8.98 -12.58 37.14
N LYS A 82 9.04 -13.82 37.59
CA LYS A 82 9.51 -14.03 38.96
C LYS A 82 11.03 -14.06 39.00
N LYS A 83 11.67 -14.43 37.89
CA LYS A 83 13.13 -14.32 37.79
C LYS A 83 13.54 -12.86 37.71
N LEU A 84 12.70 -12.03 37.09
CA LEU A 84 12.94 -10.59 37.15
C LEU A 84 12.69 -10.05 38.54
N GLU A 85 11.90 -10.76 39.35
CA GLU A 85 11.71 -10.34 40.73
C GLU A 85 12.97 -10.58 41.54
N GLU A 86 13.60 -11.75 41.36
CA GLU A 86 14.75 -12.12 42.18
C GLU A 86 16.00 -11.34 41.77
N LYS A 87 16.15 -11.06 40.47
CA LYS A 87 17.13 -10.09 40.00
C LYS A 87 16.77 -8.66 40.42
N GLY A 88 15.64 -8.46 41.09
CA GLY A 88 15.29 -7.18 41.67
C GLY A 88 14.71 -6.16 40.72
N LEU A 89 14.27 -6.57 39.52
CA LEU A 89 13.80 -5.68 38.48
C LEU A 89 12.29 -5.51 38.42
N LEU A 90 11.53 -6.38 39.07
CA LEU A 90 10.08 -6.36 39.00
C LEU A 90 9.48 -6.40 40.40
N SER A 91 8.28 -5.84 40.49
CA SER A 91 7.48 -5.79 41.71
C SER A 91 6.18 -6.56 41.51
N PHE A 92 6.00 -7.65 42.28
CA PHE A 92 4.74 -8.37 42.35
C PHE A 92 3.83 -7.70 43.37
N SER A 93 2.52 -7.93 43.22
CA SER A 93 1.51 -7.38 44.12
C SER A 93 0.24 -8.18 43.95
N LYS A 94 -0.61 -8.10 44.97
CA LYS A 94 -1.92 -8.71 44.94
C LYS A 94 -2.92 -7.71 45.50
N LYS A 95 -4.15 -7.78 45.01
CA LYS A 95 -5.30 -7.04 45.56
C LYS A 95 -6.38 -8.09 45.79
N GLN A 96 -6.95 -8.10 47.00
CA GLN A 96 -7.72 -9.25 47.49
C GLN A 96 -9.23 -9.11 47.31
N ASP A 97 -9.69 -8.15 46.50
CA ASP A 97 -11.01 -8.30 45.90
C ASP A 97 -11.06 -9.58 45.10
N ASP A 98 -10.01 -9.85 44.32
CA ASP A 98 -9.82 -11.14 43.68
C ASP A 98 -8.34 -11.52 43.83
N LYS A 99 -8.07 -12.39 44.79
CA LYS A 99 -6.73 -12.86 45.16
C LYS A 99 -6.27 -14.04 44.31
N ARG A 100 -6.89 -14.28 43.15
CA ARG A 100 -6.29 -15.20 42.19
C ARG A 100 -5.32 -14.46 41.28
N ASN A 101 -5.35 -13.14 41.31
CA ASN A 101 -4.70 -12.29 40.33
C ASN A 101 -3.44 -11.67 40.93
N THR A 102 -2.27 -11.98 40.34
CA THR A 102 -0.98 -11.42 40.73
C THR A 102 -0.58 -10.32 39.75
N TYR A 103 -0.34 -9.12 40.26
CA TYR A 103 -0.03 -7.97 39.42
C TYR A 103 1.45 -7.59 39.54
N ILE A 104 2.01 -7.01 38.46
CA ILE A 104 3.41 -6.64 38.42
C ILE A 104 3.58 -5.15 38.16
N GLU A 105 4.62 -4.59 38.78
CA GLU A 105 5.04 -3.22 38.60
C GLU A 105 6.55 -3.22 38.45
N LEU A 106 7.05 -2.22 37.73
CA LEU A 106 8.49 -2.08 37.51
C LEU A 106 9.12 -1.37 38.70
N THR A 107 10.23 -1.91 39.20
CA THR A 107 10.99 -1.22 40.23
C THR A 107 11.95 -0.22 39.59
N GLU A 108 12.48 0.66 40.45
CA GLU A 108 13.37 1.72 39.99
C GLU A 108 14.58 1.15 39.26
N LYS A 109 15.14 0.05 39.79
CA LYS A 109 16.25 -0.61 39.11
C LYS A 109 15.87 -1.00 37.69
N GLY A 110 14.65 -1.51 37.51
CA GLY A 110 14.25 -1.99 36.20
C GLY A 110 14.03 -0.88 35.18
N GLU A 111 13.29 0.16 35.57
CA GLU A 111 13.21 1.35 34.72
C GLU A 111 14.60 1.83 34.33
N GLU A 112 15.55 1.79 35.26
CA GLU A 112 16.89 2.27 34.95
C GLU A 112 17.49 1.50 33.78
N VAL A 113 17.44 0.16 33.85
CA VAL A 113 18.08 -0.65 32.82
C VAL A 113 17.32 -0.52 31.51
N LEU A 114 16.03 -0.23 31.59
CA LEU A 114 15.28 0.12 30.39
C LEU A 114 15.87 1.38 29.75
N MET A 115 16.07 2.43 30.53
CA MET A 115 16.64 3.67 30.00
C MET A 115 18.05 3.44 29.46
N LYS A 116 18.86 2.63 30.16
CA LYS A 116 20.23 2.40 29.70
C LYS A 116 20.25 1.57 28.43
N LEU A 117 19.34 0.60 28.30
CA LEU A 117 19.18 -0.10 27.04
C LEU A 117 18.71 0.84 25.95
N MET A 118 17.81 1.78 26.29
CA MET A 118 17.39 2.77 25.31
C MET A 118 18.57 3.59 24.85
N GLU A 119 19.50 3.88 25.75
CA GLU A 119 20.68 4.63 25.35
C GLU A 119 21.57 3.78 24.44
N THR A 120 21.82 2.52 24.79
CA THR A 120 22.69 1.72 23.93
C THR A 120 22.10 1.48 22.54
N TYR A 121 20.84 1.83 22.30
CA TYR A 121 20.24 1.61 20.99
C TYR A 121 21.07 2.27 19.89
N ASP A 122 21.39 1.49 18.86
CA ASP A 122 21.99 2.01 17.63
C ASP A 122 21.11 1.52 16.49
N PRO A 123 20.25 2.35 15.91
CA PRO A 123 19.47 1.85 14.77
C PRO A 123 20.31 1.20 13.67
N THR A 124 21.52 1.67 13.38
CA THR A 124 22.21 1.14 12.20
C THR A 124 22.51 -0.36 12.32
N LYS A 125 22.73 -0.89 13.52
CA LYS A 125 22.93 -2.33 13.69
C LYS A 125 21.61 -3.15 13.69
N ASN A 126 20.45 -2.53 13.50
CA ASN A 126 19.22 -3.26 13.32
C ASN A 126 18.98 -3.48 11.82
N ALA A 127 18.84 -4.75 11.42
CA ALA A 127 18.71 -5.08 9.99
C ALA A 127 17.40 -4.57 9.35
N VAL A 128 16.22 -4.68 10.01
CA VAL A 128 14.99 -4.21 9.31
C VAL A 128 14.93 -2.70 9.27
N PHE A 129 15.53 -2.03 10.25
CA PHE A 129 15.70 -0.60 10.10
C PHE A 129 16.39 -0.31 8.77
N ASN A 130 17.61 -0.86 8.57
CA ASN A 130 18.36 -0.62 7.33
C ASN A 130 17.61 -1.14 6.11
N GLY A 131 16.82 -2.21 6.28
CA GLY A 131 16.08 -2.73 5.15
C GLY A 131 14.90 -1.87 4.78
N ALA A 132 14.41 -1.09 5.75
CA ALA A 132 13.30 -0.17 5.54
C ALA A 132 13.72 1.22 5.05
N LEU A 133 14.99 1.60 5.26
CA LEU A 133 15.43 2.95 4.85
C LEU A 133 15.20 3.24 3.37
N PRO A 134 15.45 2.31 2.44
CA PRO A 134 15.09 2.59 1.05
C PRO A 134 13.67 3.11 0.90
N LEU A 135 12.70 2.43 1.51
CA LEU A 135 11.31 2.85 1.37
C LEU A 135 11.09 4.23 1.94
N ARG A 136 11.68 4.49 3.12
CA ARG A 136 11.51 5.78 3.75
C ARG A 136 11.96 6.91 2.85
N GLU A 137 13.07 6.72 2.13
CA GLU A 137 13.65 7.78 1.31
C GLU A 137 12.65 8.29 0.29
N LEU A 138 11.94 7.39 -0.40
CA LEU A 138 11.00 7.89 -1.41
C LEU A 138 9.63 8.17 -0.80
N TYR A 139 9.25 7.47 0.27
CA TYR A 139 7.96 7.74 0.89
C TYR A 139 7.96 9.10 1.58
N GLY A 140 9.08 9.45 2.20
CA GLY A 140 9.09 10.55 3.13
C GLY A 140 8.98 10.12 4.57
N LYS A 141 8.45 8.94 4.82
CA LYS A 141 8.36 8.45 6.19
C LYS A 141 8.72 6.97 6.17
N PHE A 142 8.92 6.41 7.36
CA PHE A 142 9.12 4.97 7.45
C PHE A 142 7.86 4.25 6.97
N PRO A 143 8.01 3.00 6.49
CA PRO A 143 6.83 2.24 6.02
C PRO A 143 5.84 2.00 7.14
N GLU A 144 4.54 2.07 6.80
CA GLU A 144 3.54 1.83 7.83
C GLU A 144 3.20 0.35 7.98
N ILE A 145 3.32 -0.43 6.89
CA ILE A 145 3.01 -1.86 6.93
C ILE A 145 1.58 -2.03 7.42
N LEU A 146 0.68 -1.24 6.86
CA LEU A 146 -0.66 -1.17 7.40
C LEU A 146 -1.41 -2.49 7.22
N GLU A 147 -1.30 -3.11 6.04
CA GLU A 147 -1.90 -4.42 5.83
C GLU A 147 -1.58 -5.36 6.99
N MET A 148 -0.31 -5.36 7.46
CA MET A 148 0.02 -6.23 8.58
C MET A 148 -0.71 -5.79 9.85
N MET A 149 -0.77 -4.48 10.09
CA MET A 149 -1.45 -4.00 11.30
C MET A 149 -2.93 -4.35 11.26
N CYS A 150 -3.56 -4.27 10.08
CA CYS A 150 -4.95 -4.71 9.93
C CYS A 150 -5.10 -6.18 10.29
N ILE A 151 -4.26 -7.02 9.71
CA ILE A 151 -4.33 -8.45 9.97
C ILE A 151 -4.12 -8.73 11.46
N VAL A 152 -3.11 -8.08 12.06
CA VAL A 152 -2.83 -8.38 13.46
C VAL A 152 -4.01 -7.98 14.33
N ARG A 153 -4.64 -6.83 14.02
CA ARG A 153 -5.77 -6.36 14.83
C ARG A 153 -6.92 -7.35 14.82
N ASN A 154 -7.28 -7.86 13.65
CA ASN A 154 -8.41 -8.79 13.56
C ASN A 154 -8.11 -10.09 14.29
N ILE A 155 -6.83 -10.42 14.46
CA ILE A 155 -6.42 -11.65 15.14
C ILE A 155 -6.44 -11.47 16.65
N TYR A 156 -6.04 -10.29 17.14
CA TYR A 156 -5.76 -10.09 18.56
C TYR A 156 -6.72 -9.12 19.23
N GLY A 157 -7.49 -8.37 18.47
CA GLY A 157 -8.46 -7.48 19.05
C GLY A 157 -7.90 -6.10 19.34
N ASP A 158 -8.80 -5.12 19.31
CA ASP A 158 -8.38 -3.72 19.42
C ASP A 158 -7.72 -3.44 20.77
N ASP A 159 -8.07 -4.17 21.82
CA ASP A 159 -7.44 -3.88 23.10
C ASP A 159 -5.96 -4.19 23.04
N PHE A 160 -5.60 -5.27 22.36
CA PHE A 160 -4.19 -5.62 22.21
C PHE A 160 -3.42 -4.45 21.61
N MET A 161 -3.92 -3.89 20.50
CA MET A 161 -3.32 -2.77 19.77
C MET A 161 -3.10 -1.53 20.63
N GLU A 162 -3.51 -1.53 21.90
CA GLU A 162 -3.20 -0.39 22.76
C GLU A 162 -1.70 -0.28 23.03
N ILE A 163 -1.01 -1.42 23.00
CA ILE A 163 0.44 -1.45 23.21
C ILE A 163 1.13 -0.53 22.21
N PHE A 164 0.61 -0.47 20.98
CA PHE A 164 1.26 0.33 19.96
C PHE A 164 1.22 1.81 20.30
N GLU A 165 0.03 2.34 20.58
CA GLU A 165 -0.07 3.79 20.72
C GLU A 165 0.31 4.25 22.13
N ARG A 166 0.29 3.35 23.09
CA ARG A 166 0.87 3.70 24.38
C ARG A 166 2.39 3.83 24.25
N ALA A 167 3.03 2.97 23.44
CA ALA A 167 4.47 3.10 23.25
C ALA A 167 4.81 4.26 22.32
N PHE A 168 3.94 4.57 21.37
CA PHE A 168 4.16 5.71 20.49
C PHE A 168 4.16 7.02 21.27
N GLU A 169 3.06 7.31 21.97
CA GLU A 169 2.96 8.60 22.64
C GLU A 169 3.96 8.71 23.79
N ASN A 170 4.12 7.65 24.59
CA ASN A 170 5.04 7.72 25.72
C ASN A 170 6.47 7.99 25.27
N ILE A 171 6.95 7.29 24.24
CA ILE A 171 8.34 7.48 23.82
C ILE A 171 8.51 8.80 23.08
N LYS A 172 7.47 9.27 22.39
CA LYS A 172 7.53 10.61 21.79
C LYS A 172 7.63 11.70 22.86
N GLU A 173 7.05 11.49 24.04
CA GLU A 173 7.09 12.52 25.09
C GLU A 173 8.03 12.18 26.25
N ASP A 174 8.23 10.92 26.60
CA ASP A 174 9.07 10.60 27.75
C ASP A 174 10.55 10.52 27.41
N PHE A 175 10.93 10.73 26.15
CA PHE A 175 12.32 10.64 25.72
C PHE A 175 12.68 11.80 24.80
N ILE A 176 13.98 12.11 24.74
CA ILE A 176 14.57 13.12 23.87
C ILE A 176 15.91 12.59 23.37
N GLU A 177 16.46 13.25 22.34
CA GLU A 177 17.79 12.93 21.78
C GLU A 177 18.82 13.95 22.27
N GLN A 178 19.89 13.47 22.92
CA GLN A 178 21.07 14.26 23.21
C GLN A 178 22.28 13.43 22.79
N ASP A 179 23.25 14.08 22.14
CA ASP A 179 24.46 13.42 21.60
C ASP A 179 24.12 12.12 20.85
N GLY A 180 23.05 12.14 20.04
CA GLY A 180 22.70 11.00 19.20
C GLY A 180 22.15 9.77 19.90
N LYS A 181 21.72 9.88 21.16
CA LYS A 181 21.12 8.77 21.89
C LYS A 181 19.78 9.22 22.44
N LEU A 182 18.90 8.26 22.67
CA LEU A 182 17.61 8.57 23.28
C LEU A 182 17.78 8.69 24.79
N VAL A 183 17.27 9.79 25.36
CA VAL A 183 17.36 10.05 26.79
C VAL A 183 16.03 10.57 27.31
N LYS A 184 15.84 10.45 28.61
CA LYS A 184 14.65 10.96 29.28
C LYS A 184 14.75 12.44 29.61
N HIS B 7 18.89 13.46 7.84
CA HIS B 7 18.90 12.09 8.32
C HIS B 7 17.52 11.65 8.89
N TYR B 8 17.54 10.95 10.03
CA TYR B 8 16.35 10.53 10.77
C TYR B 8 16.60 10.80 12.26
N SER B 9 15.53 10.84 13.04
CA SER B 9 15.69 10.92 14.49
C SER B 9 15.91 9.54 15.10
N ILE B 10 16.78 9.47 16.09
CA ILE B 10 16.86 8.24 16.85
C ILE B 10 15.52 7.98 17.54
N LYS B 11 14.76 9.02 17.85
CA LYS B 11 13.37 8.83 18.27
C LYS B 11 12.56 8.20 17.15
N GLU B 12 12.54 8.85 15.99
CA GLU B 12 11.77 8.32 14.86
C GLU B 12 12.19 6.89 14.55
N ALA B 13 13.47 6.55 14.79
CA ALA B 13 13.94 5.20 14.53
C ALA B 13 13.34 4.21 15.53
N MET B 14 13.40 4.52 16.83
CA MET B 14 12.80 3.65 17.83
C MET B 14 11.30 3.44 17.58
N LEU B 15 10.59 4.51 17.24
CA LEU B 15 9.19 4.37 16.93
C LEU B 15 8.96 3.29 15.88
N PHE B 16 9.78 3.28 14.83
CA PHE B 16 9.58 2.27 13.79
C PHE B 16 10.03 0.91 14.28
N SER B 17 11.07 0.87 15.12
CA SER B 17 11.63 -0.43 15.50
C SER B 17 10.74 -1.17 16.48
N GLN B 18 10.05 -0.44 17.35
CA GLN B 18 9.14 -1.08 18.29
C GLN B 18 7.82 -1.47 17.60
N ARG B 19 7.41 -0.69 16.61
CA ARG B 19 6.20 -1.06 15.88
C ARG B 19 6.40 -2.36 15.12
N ILE B 20 7.52 -2.48 14.41
CA ILE B 20 7.76 -3.66 13.57
C ILE B 20 8.11 -4.85 14.45
N ALA B 21 8.80 -4.59 15.57
CA ALA B 21 9.17 -5.68 16.45
C ALA B 21 7.93 -6.41 16.95
N GLN B 22 7.00 -5.64 17.55
CA GLN B 22 5.79 -6.22 18.12
C GLN B 22 4.88 -6.77 17.03
N LEU B 23 4.78 -6.07 15.90
CA LEU B 23 3.94 -6.54 14.81
C LEU B 23 4.40 -7.91 14.32
N SER B 24 5.69 -8.20 14.39
CA SER B 24 6.16 -9.42 13.74
C SER B 24 6.19 -10.57 14.73
N LYS B 25 6.42 -10.24 16.00
CA LYS B 25 6.26 -11.25 17.04
C LYS B 25 4.81 -11.69 17.13
N ALA B 26 3.88 -10.73 17.10
CA ALA B 26 2.48 -11.07 16.94
C ALA B 26 2.29 -11.97 15.72
N LEU B 27 2.75 -11.53 14.55
CA LEU B 27 2.41 -12.27 13.33
C LEU B 27 3.04 -13.67 13.31
N TRP B 28 4.30 -13.81 13.74
CA TRP B 28 4.95 -15.12 13.68
C TRP B 28 4.33 -16.11 14.66
N LYS B 29 4.10 -15.65 15.91
CA LYS B 29 3.53 -16.53 16.93
C LYS B 29 2.16 -17.03 16.52
N SER B 30 1.39 -16.16 15.88
CA SER B 30 0.11 -16.58 15.34
C SER B 30 0.31 -17.65 14.28
N ILE B 31 1.26 -17.41 13.39
CA ILE B 31 1.54 -18.40 12.36
C ILE B 31 2.17 -19.64 12.97
N GLU B 32 2.96 -19.46 14.03
CA GLU B 32 3.68 -20.59 14.60
C GLU B 32 2.72 -21.64 15.07
N LYS B 33 1.79 -21.25 15.96
CA LYS B 33 0.84 -22.20 16.57
C LYS B 33 -0.09 -22.85 15.55
N ASP B 34 -0.54 -22.11 14.55
CA ASP B 34 -1.36 -22.78 13.54
C ASP B 34 -0.56 -23.79 12.75
N TRP B 35 0.72 -23.49 12.49
CA TRP B 35 1.59 -24.41 11.76
C TRP B 35 1.89 -25.66 12.60
N GLN B 36 2.21 -25.46 13.88
CA GLN B 36 2.48 -26.60 14.75
C GLN B 36 1.27 -27.54 14.80
N ARG B 37 0.07 -26.97 14.79
CA ARG B 37 -1.12 -27.80 14.99
C ARG B 37 -1.36 -28.74 13.82
N TRP B 38 -1.12 -28.28 12.57
CA TRP B 38 -1.44 -29.19 11.48
C TRP B 38 -0.34 -30.20 11.23
N ILE B 39 0.88 -29.96 11.72
CA ILE B 39 1.92 -30.93 11.40
C ILE B 39 2.18 -31.89 12.55
N LYS B 40 1.67 -31.61 13.76
CA LYS B 40 1.77 -32.62 14.82
C LYS B 40 1.07 -33.91 14.45
N PRO B 41 -0.05 -33.93 13.71
CA PRO B 41 -0.62 -35.25 13.35
C PRO B 41 0.35 -36.18 12.68
N PHE B 42 1.25 -35.67 11.83
CA PHE B 42 2.27 -36.48 11.17
C PHE B 42 3.61 -36.47 11.89
N ASP B 43 3.65 -35.93 13.12
CA ASP B 43 4.83 -36.01 14.00
C ASP B 43 6.02 -35.24 13.44
N LEU B 44 5.76 -34.01 13.03
CA LEU B 44 6.76 -33.11 12.49
C LEU B 44 6.83 -31.90 13.42
N ASN B 45 7.95 -31.18 13.40
CA ASN B 45 8.01 -29.83 13.92
C ASN B 45 8.13 -28.88 12.76
N ILE B 46 8.03 -27.58 13.06
CA ILE B 46 8.00 -26.58 12.00
C ILE B 46 9.22 -26.73 11.08
N ASN B 47 10.43 -26.69 11.65
CA ASN B 47 11.63 -26.71 10.80
C ASN B 47 11.77 -28.01 10.02
N GLU B 48 11.30 -29.14 10.57
CA GLU B 48 11.29 -30.38 9.81
C GLU B 48 10.38 -30.24 8.59
N HIS B 49 9.17 -29.76 8.82
CA HIS B 49 8.26 -29.58 7.71
C HIS B 49 8.82 -28.54 6.73
N HIS B 50 9.43 -27.49 7.28
CA HIS B 50 10.01 -26.45 6.44
C HIS B 50 11.14 -27.02 5.57
N ILE B 51 12.03 -27.84 6.16
CA ILE B 51 13.09 -28.45 5.37
C ILE B 51 12.51 -29.28 4.23
N LEU B 52 11.46 -30.06 4.50
CA LEU B 52 10.87 -30.92 3.47
C LEU B 52 10.32 -30.10 2.30
N TRP B 53 9.67 -28.97 2.60
CA TRP B 53 9.18 -28.14 1.50
C TRP B 53 10.33 -27.54 0.72
N ILE B 54 11.45 -27.24 1.39
CA ILE B 54 12.57 -26.63 0.68
C ILE B 54 13.21 -27.63 -0.29
N ALA B 55 13.39 -28.88 0.16
CA ALA B 55 13.90 -29.91 -0.76
C ALA B 55 12.91 -30.21 -1.87
N TYR B 56 11.60 -30.13 -1.61
CA TYR B 56 10.64 -30.29 -2.69
C TYR B 56 10.84 -29.21 -3.76
N HIS B 57 11.06 -27.96 -3.35
CA HIS B 57 11.13 -26.88 -4.32
C HIS B 57 12.55 -26.72 -4.86
N PHE B 58 13.55 -27.05 -4.05
CA PHE B 58 14.97 -26.92 -4.40
C PHE B 58 15.62 -28.29 -4.22
N LYS B 59 15.44 -29.16 -5.21
CA LYS B 59 16.02 -30.49 -5.08
C LYS B 59 17.54 -30.42 -5.06
N GLY B 60 18.14 -31.37 -4.35
CA GLY B 60 19.58 -31.47 -4.28
C GLY B 60 20.30 -30.23 -3.78
N ALA B 61 19.84 -29.70 -2.66
CA ALA B 61 20.33 -28.45 -2.12
C ALA B 61 21.28 -28.72 -0.96
N SER B 62 22.20 -27.80 -0.74
CA SER B 62 23.17 -27.98 0.33
C SER B 62 22.50 -27.87 1.69
N ILE B 63 23.14 -28.45 2.70
CA ILE B 63 22.76 -28.13 4.07
C ILE B 63 22.65 -26.62 4.26
N SER B 64 23.71 -25.87 3.92
CA SER B 64 23.71 -24.42 4.12
C SER B 64 22.61 -23.74 3.31
N GLU B 65 22.23 -24.33 2.19
CA GLU B 65 21.19 -23.73 1.36
C GLU B 65 19.82 -23.84 2.04
N ILE B 66 19.45 -25.04 2.47
CA ILE B 66 18.18 -25.20 3.14
C ILE B 66 18.21 -24.48 4.48
N ALA B 67 19.41 -24.22 5.02
CA ALA B 67 19.41 -23.32 6.17
C ALA B 67 19.19 -21.89 5.75
N LYS B 68 19.51 -21.54 4.50
CA LYS B 68 19.23 -20.21 4.01
C LYS B 68 17.74 -20.02 3.78
N PHE B 69 17.12 -20.92 3.00
CA PHE B 69 15.74 -20.73 2.56
C PHE B 69 14.76 -20.85 3.73
N GLY B 70 14.94 -21.84 4.60
CA GLY B 70 14.25 -21.85 5.88
C GLY B 70 15.10 -21.03 6.82
N VAL B 71 14.49 -20.11 7.54
CA VAL B 71 15.27 -19.27 8.44
C VAL B 71 15.73 -20.14 9.60
N MET B 72 16.81 -20.88 9.42
CA MET B 72 17.38 -21.66 10.52
C MET B 72 18.88 -21.69 10.34
N HIS B 73 19.55 -21.96 11.45
CA HIS B 73 20.96 -22.24 11.59
C HIS B 73 21.35 -23.46 10.77
N VAL B 74 22.60 -23.45 10.29
CA VAL B 74 23.15 -24.61 9.60
C VAL B 74 23.02 -25.86 10.47
N SER B 75 23.31 -25.70 11.76
CA SER B 75 23.37 -26.86 12.63
C SER B 75 21.97 -27.45 12.84
N THR B 76 20.97 -26.59 13.06
CA THR B 76 19.60 -27.05 13.17
C THR B 76 19.13 -27.67 11.87
N ALA B 77 19.56 -27.10 10.75
CA ALA B 77 19.26 -27.72 9.46
C ALA B 77 19.86 -29.13 9.38
N PHE B 78 21.13 -29.31 9.78
CA PHE B 78 21.74 -30.63 9.67
C PHE B 78 21.14 -31.63 10.67
N ASN B 79 20.75 -31.17 11.86
CA ASN B 79 20.29 -32.10 12.88
C ASN B 79 18.85 -32.54 12.60
N PHE B 80 18.01 -31.59 12.18
CA PHE B 80 16.66 -31.96 11.79
C PHE B 80 16.64 -32.64 10.44
N SER B 81 17.63 -32.37 9.57
CA SER B 81 17.64 -33.05 8.27
C SER B 81 18.05 -34.51 8.41
N LYS B 82 18.77 -34.84 9.48
CA LYS B 82 19.17 -36.24 9.66
C LYS B 82 18.02 -37.04 10.27
N LYS B 83 17.31 -36.45 11.24
CA LYS B 83 16.10 -37.07 11.76
C LYS B 83 15.10 -37.36 10.65
N LEU B 84 15.07 -36.52 9.62
CA LEU B 84 14.12 -36.76 8.54
C LEU B 84 14.52 -37.99 7.71
N GLU B 85 15.81 -38.30 7.63
CA GLU B 85 16.21 -39.49 6.89
C GLU B 85 16.13 -40.75 7.76
N GLU B 86 16.27 -40.60 9.09
CA GLU B 86 16.01 -41.73 9.98
C GLU B 86 14.51 -42.07 10.03
N LYS B 87 13.65 -41.08 9.82
CA LYS B 87 12.25 -41.32 9.48
C LYS B 87 12.05 -41.63 8.00
N GLY B 88 13.13 -41.79 7.23
CA GLY B 88 13.02 -42.25 5.86
C GLY B 88 12.62 -41.22 4.83
N LEU B 89 12.36 -39.98 5.24
CA LEU B 89 11.73 -38.99 4.38
C LEU B 89 12.72 -38.19 3.52
N LEU B 90 14.01 -38.28 3.82
CA LEU B 90 15.07 -37.56 3.11
C LEU B 90 16.17 -38.52 2.72
N SER B 91 16.93 -38.14 1.70
CA SER B 91 18.07 -38.88 1.20
C SER B 91 19.25 -37.91 1.07
N PHE B 92 20.41 -38.30 1.63
CA PHE B 92 21.61 -37.49 1.65
C PHE B 92 22.57 -37.94 0.55
N SER B 93 23.17 -37.00 -0.16
CA SER B 93 24.20 -37.36 -1.14
C SER B 93 25.38 -36.40 -1.02
N LYS B 94 26.52 -36.82 -1.60
CA LYS B 94 27.72 -36.01 -1.73
C LYS B 94 28.14 -35.99 -3.20
N LYS B 95 29.10 -35.13 -3.52
CA LYS B 95 29.38 -34.85 -4.91
C LYS B 95 30.85 -35.00 -5.24
N GLN B 96 31.09 -35.12 -6.56
CA GLN B 96 32.43 -35.37 -7.09
C GLN B 96 33.37 -34.22 -6.75
N ASP B 97 32.97 -32.99 -7.09
CA ASP B 97 33.92 -31.88 -7.11
C ASP B 97 34.36 -31.50 -5.71
N ASP B 98 33.43 -31.52 -4.77
CA ASP B 98 33.74 -31.09 -3.41
C ASP B 98 32.87 -31.83 -2.42
N LYS B 99 33.49 -32.76 -1.71
CA LYS B 99 32.89 -33.65 -0.74
C LYS B 99 32.70 -32.99 0.63
N ARG B 100 32.97 -31.68 0.77
CA ARG B 100 32.56 -31.02 2.00
C ARG B 100 31.06 -30.79 1.99
N ASN B 101 30.50 -30.51 0.82
CA ASN B 101 29.07 -30.34 0.70
C ASN B 101 28.31 -31.64 0.94
N THR B 102 27.05 -31.51 1.40
CA THR B 102 26.13 -32.61 1.65
C THR B 102 24.75 -32.25 1.15
N TYR B 103 24.31 -32.93 0.11
CA TYR B 103 23.09 -32.59 -0.60
C TYR B 103 21.93 -33.48 -0.17
N ILE B 104 20.73 -32.93 -0.25
CA ILE B 104 19.55 -33.50 0.37
C ILE B 104 18.44 -33.59 -0.65
N GLU B 105 17.76 -34.73 -0.67
CA GLU B 105 16.69 -34.99 -1.61
C GLU B 105 15.52 -35.59 -0.86
N LEU B 106 14.35 -35.42 -1.43
CA LEU B 106 13.12 -35.92 -0.83
C LEU B 106 12.89 -37.34 -1.32
N THR B 107 12.71 -38.26 -0.38
CA THR B 107 12.22 -39.60 -0.66
C THR B 107 10.71 -39.55 -0.96
N GLU B 108 10.19 -40.62 -1.53
CA GLU B 108 8.78 -40.59 -1.87
C GLU B 108 7.90 -40.83 -0.65
N LYS B 109 8.45 -41.42 0.41
CA LYS B 109 7.74 -41.35 1.67
C LYS B 109 7.65 -39.91 2.14
N GLY B 110 8.75 -39.14 1.98
CA GLY B 110 8.73 -37.74 2.36
C GLY B 110 7.76 -36.92 1.54
N GLU B 111 7.78 -37.10 0.22
CA GLU B 111 6.86 -36.35 -0.62
C GLU B 111 5.41 -36.69 -0.28
N GLU B 112 5.14 -37.96 0.05
CA GLU B 112 3.76 -38.35 0.34
C GLU B 112 3.20 -37.55 1.51
N VAL B 113 3.96 -37.47 2.60
CA VAL B 113 3.46 -36.83 3.82
C VAL B 113 3.30 -35.33 3.61
N LEU B 114 4.13 -34.76 2.74
CA LEU B 114 3.87 -33.41 2.29
C LEU B 114 2.50 -33.32 1.61
N MET B 115 2.25 -34.21 0.65
CA MET B 115 1.02 -34.13 -0.15
C MET B 115 -0.21 -34.45 0.68
N LYS B 116 -0.05 -35.25 1.72
CA LYS B 116 -1.20 -35.61 2.55
C LYS B 116 -1.53 -34.45 3.47
N LEU B 117 -0.49 -33.79 4.00
CA LEU B 117 -0.69 -32.59 4.81
C LEU B 117 -1.37 -31.49 3.99
N MET B 118 -1.00 -31.39 2.70
CA MET B 118 -1.67 -30.44 1.81
C MET B 118 -3.14 -30.77 1.67
N GLU B 119 -3.50 -32.05 1.79
CA GLU B 119 -4.92 -32.37 1.76
C GLU B 119 -5.61 -31.95 3.05
N THR B 120 -4.90 -32.02 4.19
CA THR B 120 -5.54 -31.66 5.46
C THR B 120 -5.63 -30.15 5.68
N TYR B 121 -5.04 -29.35 4.80
CA TYR B 121 -4.98 -27.92 5.02
C TYR B 121 -6.37 -27.30 5.02
N ASP B 122 -6.80 -26.81 6.19
CA ASP B 122 -8.05 -26.04 6.27
C ASP B 122 -7.68 -24.59 6.55
N PRO B 123 -7.76 -23.69 5.56
CA PRO B 123 -7.41 -22.29 5.85
C PRO B 123 -8.31 -21.67 6.90
N THR B 124 -9.53 -22.16 7.07
CA THR B 124 -10.44 -21.63 8.08
C THR B 124 -9.87 -21.76 9.50
N LYS B 125 -8.99 -22.71 9.75
CA LYS B 125 -8.41 -22.87 11.08
C LYS B 125 -7.11 -22.09 11.25
N ASN B 126 -6.63 -21.46 10.19
CA ASN B 126 -5.45 -20.61 10.23
C ASN B 126 -5.90 -19.18 10.55
N ALA B 127 -5.29 -18.58 11.58
CA ALA B 127 -5.73 -17.27 12.06
C ALA B 127 -5.37 -16.13 11.10
N VAL B 128 -4.15 -16.12 10.56
CA VAL B 128 -3.73 -15.04 9.66
C VAL B 128 -4.59 -15.03 8.41
N PHE B 129 -5.05 -16.20 7.98
CA PHE B 129 -5.95 -16.25 6.83
C PHE B 129 -7.26 -15.54 7.17
N ASN B 130 -7.90 -15.93 8.27
CA ASN B 130 -9.14 -15.28 8.67
C ASN B 130 -8.92 -13.79 8.91
N GLY B 131 -7.70 -13.41 9.29
CA GLY B 131 -7.40 -12.01 9.49
C GLY B 131 -7.33 -11.24 8.19
N ALA B 132 -6.93 -11.91 7.11
CA ALA B 132 -6.77 -11.25 5.81
C ALA B 132 -8.01 -11.33 4.94
N LEU B 133 -9.05 -12.08 5.36
CA LEU B 133 -10.28 -12.15 4.57
C LEU B 133 -10.94 -10.79 4.39
N PRO B 134 -11.10 -9.95 5.42
CA PRO B 134 -11.73 -8.65 5.15
C PRO B 134 -10.98 -7.85 4.10
N LEU B 135 -9.63 -7.88 4.14
CA LEU B 135 -8.83 -7.23 3.12
C LEU B 135 -9.03 -7.86 1.75
N ARG B 136 -9.14 -9.19 1.69
CA ARG B 136 -9.35 -9.84 0.40
C ARG B 136 -10.63 -9.35 -0.25
N GLU B 137 -11.69 -9.15 0.54
CA GLU B 137 -12.95 -8.66 -0.03
C GLU B 137 -12.77 -7.27 -0.66
N LEU B 138 -12.28 -6.29 0.10
CA LEU B 138 -12.12 -4.95 -0.46
C LEU B 138 -11.26 -4.97 -1.72
N TYR B 139 -10.08 -5.62 -1.66
CA TYR B 139 -9.16 -5.57 -2.79
C TYR B 139 -9.60 -6.49 -3.93
N GLY B 140 -10.17 -7.65 -3.61
CA GLY B 140 -10.47 -8.65 -4.62
C GLY B 140 -9.41 -9.73 -4.73
N LYS B 141 -8.20 -9.44 -4.25
CA LYS B 141 -7.10 -10.38 -4.16
C LYS B 141 -6.61 -10.41 -2.72
N PHE B 142 -5.76 -11.38 -2.38
CA PHE B 142 -5.25 -11.41 -1.02
C PHE B 142 -4.25 -10.27 -0.78
N PRO B 143 -3.98 -9.89 0.47
CA PRO B 143 -3.01 -8.82 0.70
C PRO B 143 -1.62 -9.26 0.29
N GLU B 144 -0.89 -8.30 -0.27
CA GLU B 144 0.45 -8.58 -0.76
C GLU B 144 1.52 -8.26 0.25
N ILE B 145 1.22 -7.46 1.28
CA ILE B 145 2.19 -6.97 2.26
C ILE B 145 3.46 -6.54 1.56
N LEU B 146 3.33 -5.72 0.52
CA LEU B 146 4.46 -5.46 -0.36
C LEU B 146 5.63 -4.84 0.38
N GLU B 147 5.37 -3.88 1.28
CA GLU B 147 6.44 -3.24 2.05
C GLU B 147 7.27 -4.27 2.81
N MET B 148 6.67 -5.38 3.23
CA MET B 148 7.46 -6.37 3.97
C MET B 148 8.31 -7.22 3.03
N MET B 149 7.77 -7.56 1.88
CA MET B 149 8.56 -8.26 0.89
C MET B 149 9.82 -7.46 0.56
N CYS B 150 9.67 -6.15 0.41
CA CYS B 150 10.80 -5.30 0.12
C CYS B 150 11.83 -5.30 1.24
N ILE B 151 11.38 -5.12 2.49
CA ILE B 151 12.31 -5.16 3.61
C ILE B 151 13.05 -6.49 3.64
N VAL B 152 12.32 -7.62 3.64
CA VAL B 152 12.95 -8.93 3.78
C VAL B 152 14.01 -9.14 2.71
N ARG B 153 13.71 -8.71 1.49
CA ARG B 153 14.63 -8.81 0.37
C ARG B 153 15.93 -8.04 0.62
N ASN B 154 15.85 -6.79 1.06
CA ASN B 154 17.06 -6.04 1.36
C ASN B 154 17.77 -6.55 2.62
N ILE B 155 17.27 -7.58 3.26
CA ILE B 155 17.92 -8.20 4.39
C ILE B 155 18.57 -9.52 3.99
N TYR B 156 17.80 -10.39 3.35
CA TYR B 156 18.20 -11.73 3.02
C TYR B 156 18.78 -11.81 1.62
N GLY B 157 18.41 -10.87 0.75
CA GLY B 157 18.99 -10.80 -0.58
C GLY B 157 18.18 -11.56 -1.59
N ASP B 158 18.48 -11.31 -2.87
CA ASP B 158 17.57 -11.76 -3.91
C ASP B 158 17.48 -13.28 -4.02
N ASP B 159 18.51 -14.01 -3.62
CA ASP B 159 18.50 -15.45 -3.90
C ASP B 159 17.68 -16.18 -2.87
N PHE B 160 17.65 -15.67 -1.64
CA PHE B 160 16.67 -16.18 -0.68
C PHE B 160 15.25 -16.05 -1.26
N MET B 161 14.92 -14.91 -1.84
CA MET B 161 13.64 -14.65 -2.47
C MET B 161 13.29 -15.58 -3.63
N GLU B 162 14.11 -16.58 -3.98
CA GLU B 162 13.66 -17.53 -5.01
C GLU B 162 12.65 -18.52 -4.44
N ILE B 163 12.62 -18.65 -3.13
CA ILE B 163 11.72 -19.61 -2.54
C ILE B 163 10.27 -19.18 -2.77
N PHE B 164 9.98 -17.88 -2.63
CA PHE B 164 8.59 -17.43 -2.86
C PHE B 164 8.16 -17.72 -4.28
N GLU B 165 9.02 -17.41 -5.23
CA GLU B 165 8.67 -17.63 -6.62
C GLU B 165 8.54 -19.12 -6.91
N ARG B 166 9.46 -19.94 -6.39
CA ARG B 166 9.39 -21.36 -6.73
C ARG B 166 8.16 -22.01 -6.10
N ALA B 167 7.78 -21.60 -4.88
CA ALA B 167 6.57 -22.14 -4.29
C ALA B 167 5.33 -21.68 -5.05
N PHE B 168 5.27 -20.39 -5.39
CA PHE B 168 4.14 -19.89 -6.17
C PHE B 168 3.94 -20.72 -7.43
N GLU B 169 4.99 -20.88 -8.25
CA GLU B 169 4.84 -21.61 -9.51
C GLU B 169 4.52 -23.07 -9.27
N ASN B 170 5.14 -23.69 -8.27
CA ASN B 170 4.96 -25.14 -8.09
C ASN B 170 3.54 -25.47 -7.62
N ILE B 171 3.04 -24.74 -6.62
CA ILE B 171 1.67 -24.97 -6.16
C ILE B 171 0.70 -24.73 -7.31
N LYS B 172 0.97 -23.71 -8.12
CA LYS B 172 0.01 -23.37 -9.18
C LYS B 172 -0.02 -24.44 -10.26
N GLU B 173 1.15 -24.97 -10.63
CA GLU B 173 1.24 -25.92 -11.75
C GLU B 173 1.41 -27.37 -11.32
N ASP B 174 1.68 -27.66 -10.04
CA ASP B 174 1.76 -29.04 -9.55
C ASP B 174 0.51 -29.52 -8.80
N PHE B 175 -0.39 -28.63 -8.42
CA PHE B 175 -1.51 -29.01 -7.59
C PHE B 175 -2.82 -28.55 -8.21
N ILE B 176 -3.89 -29.15 -7.70
CA ILE B 176 -5.22 -28.84 -8.20
C ILE B 176 -6.28 -29.26 -7.16
N GLU B 177 -7.40 -28.52 -7.15
CA GLU B 177 -8.55 -28.69 -6.26
C GLU B 177 -9.42 -29.85 -6.72
N GLN B 178 -9.92 -30.62 -5.74
CA GLN B 178 -11.03 -31.56 -5.93
C GLN B 178 -11.67 -31.77 -4.56
N ASP B 179 -12.96 -31.51 -4.45
CA ASP B 179 -13.69 -31.71 -3.21
C ASP B 179 -13.09 -30.86 -2.08
N GLY B 180 -12.82 -29.59 -2.39
CA GLY B 180 -12.23 -28.65 -1.43
C GLY B 180 -10.87 -28.98 -0.86
N LYS B 181 -10.11 -29.90 -1.44
CA LYS B 181 -8.77 -30.23 -0.97
C LYS B 181 -7.78 -30.04 -2.11
N LEU B 182 -6.52 -29.75 -1.76
CA LEU B 182 -5.46 -29.63 -2.75
C LEU B 182 -4.80 -30.98 -2.97
N VAL B 183 -4.79 -31.45 -4.22
CA VAL B 183 -4.27 -32.76 -4.57
C VAL B 183 -3.48 -32.62 -5.88
N LYS B 184 -2.54 -33.54 -6.11
CA LYS B 184 -1.70 -33.50 -7.30
C LYS B 184 -2.45 -33.64 -8.63
N HIS C 7 -17.53 6.44 13.09
CA HIS C 7 -17.96 7.47 12.15
C HIS C 7 -16.82 8.46 11.82
N TYR C 8 -17.08 9.40 10.89
CA TYR C 8 -16.11 10.35 10.41
C TYR C 8 -16.50 11.76 10.87
N SER C 9 -15.51 12.59 11.21
CA SER C 9 -15.76 14.01 11.40
C SER C 9 -15.75 14.74 10.07
N ILE C 10 -16.43 15.89 10.04
CA ILE C 10 -16.50 16.69 8.83
C ILE C 10 -15.14 17.24 8.47
N LYS C 11 -14.37 17.63 9.49
CA LYS C 11 -13.00 18.07 9.27
C LYS C 11 -12.18 16.97 8.60
N GLU C 12 -12.10 15.79 9.23
CA GLU C 12 -11.43 14.65 8.61
C GLU C 12 -11.91 14.39 7.19
N ALA C 13 -13.20 14.60 6.90
CA ALA C 13 -13.65 14.30 5.54
C ALA C 13 -13.18 15.37 4.56
N MET C 14 -13.28 16.66 4.94
CA MET C 14 -12.78 17.74 4.12
C MET C 14 -11.29 17.56 3.85
N LEU C 15 -10.54 17.14 4.87
CA LEU C 15 -9.12 16.88 4.73
C LEU C 15 -8.85 15.88 3.63
N PHE C 16 -9.69 14.84 3.54
CA PHE C 16 -9.51 13.84 2.50
C PHE C 16 -9.99 14.36 1.14
N SER C 17 -11.09 15.15 1.14
CA SER C 17 -11.69 15.54 -0.13
C SER C 17 -10.85 16.58 -0.87
N GLN C 18 -10.09 17.39 -0.15
CA GLN C 18 -9.19 18.33 -0.83
C GLN C 18 -7.91 17.64 -1.29
N ARG C 19 -7.41 16.72 -0.46
CA ARG C 19 -6.18 16.01 -0.80
C ARG C 19 -6.34 15.21 -2.07
N ILE C 20 -7.52 14.62 -2.30
CA ILE C 20 -7.67 13.80 -3.49
C ILE C 20 -8.08 14.66 -4.68
N ALA C 21 -8.76 15.78 -4.42
CA ALA C 21 -9.12 16.68 -5.51
C ALA C 21 -7.88 17.29 -6.14
N GLN C 22 -6.95 17.75 -5.30
CA GLN C 22 -5.68 18.28 -5.78
C GLN C 22 -4.84 17.21 -6.46
N LEU C 23 -4.82 16.00 -5.88
CA LEU C 23 -4.07 14.93 -6.51
C LEU C 23 -4.66 14.56 -7.85
N SER C 24 -5.97 14.32 -7.90
CA SER C 24 -6.48 13.78 -9.17
C SER C 24 -6.40 14.84 -10.26
N LYS C 25 -6.48 16.12 -9.88
CA LYS C 25 -6.28 17.19 -10.84
C LYS C 25 -4.86 17.16 -11.36
N ALA C 26 -3.88 17.22 -10.45
CA ALA C 26 -2.47 17.11 -10.81
C ALA C 26 -2.24 15.93 -11.73
N LEU C 27 -2.56 14.74 -11.26
CA LEU C 27 -2.36 13.56 -12.09
C LEU C 27 -3.03 13.72 -13.45
N TRP C 28 -4.34 13.99 -13.49
CA TRP C 28 -5.03 13.99 -14.77
C TRP C 28 -4.43 15.00 -15.74
N LYS C 29 -4.01 16.17 -15.26
CA LYS C 29 -3.55 17.20 -16.20
C LYS C 29 -2.22 16.81 -16.86
N SER C 30 -1.29 16.21 -16.12
CA SER C 30 -0.05 15.78 -16.76
C SER C 30 -0.31 14.64 -17.73
N ILE C 31 -1.21 13.74 -17.39
CA ILE C 31 -1.57 12.69 -18.34
C ILE C 31 -2.26 13.29 -19.56
N GLU C 32 -2.93 14.42 -19.38
CA GLU C 32 -3.72 15.00 -20.46
C GLU C 32 -2.80 15.60 -21.50
N LYS C 33 -1.77 16.32 -21.04
CA LYS C 33 -0.79 16.92 -21.92
C LYS C 33 -0.06 15.86 -22.74
N ASP C 34 0.50 14.82 -22.09
CA ASP C 34 1.31 13.86 -22.83
C ASP C 34 0.45 13.07 -23.81
N TRP C 35 -0.81 12.79 -23.43
CA TRP C 35 -1.75 12.13 -24.34
C TRP C 35 -1.98 12.97 -25.58
N GLN C 36 -2.14 14.30 -25.40
CA GLN C 36 -2.38 15.20 -26.53
C GLN C 36 -1.15 15.26 -27.45
N ARG C 37 0.04 15.47 -26.87
CA ARG C 37 1.28 15.44 -27.66
C ARG C 37 1.33 14.22 -28.55
N TRP C 38 1.09 13.05 -27.97
CA TRP C 38 1.17 11.78 -28.70
C TRP C 38 0.21 11.74 -29.89
N ILE C 39 -1.00 12.28 -29.74
CA ILE C 39 -2.00 12.09 -30.80
C ILE C 39 -2.22 13.32 -31.68
N LYS C 40 -1.72 14.50 -31.32
CA LYS C 40 -1.90 15.64 -32.22
C LYS C 40 -1.32 15.38 -33.60
N PRO C 41 -0.12 14.78 -33.75
CA PRO C 41 0.33 14.39 -35.10
C PRO C 41 -0.74 13.74 -35.97
N PHE C 42 -1.49 12.77 -35.44
CA PHE C 42 -2.49 12.05 -36.23
C PHE C 42 -3.83 12.80 -36.29
N ASP C 43 -3.88 14.03 -35.78
CA ASP C 43 -5.13 14.82 -35.68
C ASP C 43 -6.28 14.00 -35.09
N LEU C 44 -6.06 13.59 -33.86
CA LEU C 44 -7.00 12.94 -32.98
C LEU C 44 -7.07 13.82 -31.74
N ASN C 45 -8.17 13.75 -31.01
CA ASN C 45 -8.18 14.25 -29.64
C ASN C 45 -8.45 13.11 -28.69
N ILE C 46 -8.20 13.42 -27.41
CA ILE C 46 -8.24 12.41 -26.36
C ILE C 46 -9.47 11.53 -26.49
N ASN C 47 -10.65 12.14 -26.41
CA ASN C 47 -11.87 11.35 -26.41
C ASN C 47 -12.07 10.63 -27.73
N GLU C 48 -11.55 11.18 -28.83
CA GLU C 48 -11.57 10.43 -30.08
C GLU C 48 -10.61 9.24 -30.02
N HIS C 49 -9.46 9.42 -29.37
CA HIS C 49 -8.52 8.31 -29.34
C HIS C 49 -9.00 7.24 -28.37
N HIS C 50 -9.68 7.66 -27.31
CA HIS C 50 -10.26 6.73 -26.35
C HIS C 50 -11.44 5.97 -26.96
N ILE C 51 -12.25 6.66 -27.78
CA ILE C 51 -13.36 6.00 -28.47
C ILE C 51 -12.85 4.83 -29.30
N LEU C 52 -11.83 5.10 -30.14
CA LEU C 52 -11.23 4.07 -30.99
C LEU C 52 -10.66 2.93 -30.15
N TRP C 53 -10.09 3.26 -29.01
CA TRP C 53 -9.57 2.21 -28.16
C TRP C 53 -10.71 1.43 -27.49
N ILE C 54 -11.83 2.11 -27.17
CA ILE C 54 -12.98 1.38 -26.65
C ILE C 54 -13.47 0.36 -27.67
N ALA C 55 -13.59 0.77 -28.94
CA ALA C 55 -14.03 -0.15 -29.98
C ALA C 55 -13.07 -1.32 -30.16
N TYR C 56 -11.75 -1.05 -30.12
CA TYR C 56 -10.79 -2.13 -30.30
C TYR C 56 -10.98 -3.19 -29.22
N HIS C 57 -11.19 -2.77 -27.98
CA HIS C 57 -11.36 -3.73 -26.89
C HIS C 57 -12.80 -4.25 -26.80
N PHE C 58 -13.79 -3.40 -27.14
CA PHE C 58 -15.21 -3.75 -27.03
C PHE C 58 -15.89 -3.55 -28.40
N LYS C 59 -15.67 -4.48 -29.33
CA LYS C 59 -16.31 -4.35 -30.63
C LYS C 59 -17.81 -4.45 -30.51
N GLY C 60 -18.51 -3.71 -31.35
CA GLY C 60 -19.96 -3.69 -31.30
C GLY C 60 -20.51 -3.14 -30.00
N ALA C 61 -20.03 -1.96 -29.60
CA ALA C 61 -20.45 -1.31 -28.38
C ALA C 61 -21.31 -0.09 -28.70
N SER C 62 -22.35 0.11 -27.90
CA SER C 62 -23.29 1.21 -28.09
C SER C 62 -22.66 2.55 -27.74
N ILE C 63 -23.29 3.62 -28.22
CA ILE C 63 -22.83 4.97 -27.89
C ILE C 63 -22.85 5.18 -26.38
N SER C 64 -23.93 4.75 -25.72
CA SER C 64 -23.98 4.87 -24.26
C SER C 64 -22.91 4.03 -23.61
N GLU C 65 -22.68 2.83 -24.16
CA GLU C 65 -21.67 1.93 -23.60
C GLU C 65 -20.26 2.50 -23.78
N ILE C 66 -19.97 3.02 -24.97
CA ILE C 66 -18.69 3.69 -25.20
C ILE C 66 -18.51 4.84 -24.23
N ALA C 67 -19.61 5.55 -23.94
CA ALA C 67 -19.49 6.68 -23.02
C ALA C 67 -19.20 6.21 -21.60
N LYS C 68 -19.69 5.03 -21.22
CA LYS C 68 -19.34 4.48 -19.91
C LYS C 68 -17.84 4.26 -19.79
N PHE C 69 -17.25 3.46 -20.70
CA PHE C 69 -15.85 3.11 -20.54
C PHE C 69 -14.92 4.28 -20.81
N GLY C 70 -15.32 5.24 -21.64
CA GLY C 70 -14.48 6.38 -21.93
C GLY C 70 -14.64 7.57 -21.02
N VAL C 71 -15.38 7.43 -19.93
CA VAL C 71 -15.59 8.51 -18.97
C VAL C 71 -16.04 9.77 -19.69
N MET C 72 -17.05 9.66 -20.55
CA MET C 72 -17.53 10.81 -21.28
C MET C 72 -19.05 10.76 -21.41
N HIS C 73 -19.62 11.95 -21.63
CA HIS C 73 -21.05 12.10 -21.83
C HIS C 73 -21.49 11.43 -23.13
N VAL C 74 -22.73 10.95 -23.13
CA VAL C 74 -23.24 10.17 -24.26
C VAL C 74 -23.34 11.05 -25.49
N SER C 75 -23.70 12.32 -25.31
CA SER C 75 -23.68 13.23 -26.44
C SER C 75 -22.25 13.44 -26.91
N THR C 76 -21.33 13.67 -25.97
CA THR C 76 -19.91 13.77 -26.33
C THR C 76 -19.52 12.58 -27.19
N ALA C 77 -19.81 11.35 -26.77
CA ALA C 77 -19.46 10.22 -27.62
C ALA C 77 -20.12 10.35 -28.99
N PHE C 78 -21.39 10.71 -29.03
CA PHE C 78 -22.09 10.70 -30.32
C PHE C 78 -21.41 11.66 -31.30
N ASN C 79 -21.29 12.93 -30.92
CA ASN C 79 -20.68 13.93 -31.79
C ASN C 79 -19.27 13.54 -32.21
N PHE C 80 -18.42 13.17 -31.25
CA PHE C 80 -17.05 12.79 -31.58
C PHE C 80 -17.01 11.48 -32.37
N SER C 81 -18.00 10.59 -32.19
CA SER C 81 -17.95 9.31 -32.90
C SER C 81 -18.26 9.44 -34.38
N LYS C 82 -19.28 10.23 -34.74
CA LYS C 82 -19.60 10.34 -36.15
C LYS C 82 -18.61 11.25 -36.87
N LYS C 83 -17.99 12.18 -36.14
CA LYS C 83 -16.82 12.87 -36.66
C LYS C 83 -15.72 11.88 -37.03
N LEU C 84 -15.63 10.77 -36.30
CA LEU C 84 -14.63 9.77 -36.65
C LEU C 84 -15.05 8.99 -37.88
N GLU C 85 -16.36 8.80 -38.07
CA GLU C 85 -16.83 8.12 -39.27
C GLU C 85 -16.54 8.95 -40.51
N GLU C 86 -16.66 10.29 -40.42
CA GLU C 86 -16.33 11.13 -41.56
C GLU C 86 -14.87 10.96 -41.95
N LYS C 87 -13.98 10.91 -40.95
CA LYS C 87 -12.59 10.52 -41.10
C LYS C 87 -12.42 9.02 -41.37
N GLY C 88 -13.51 8.26 -41.45
CA GLY C 88 -13.46 6.91 -41.98
C GLY C 88 -12.83 5.84 -41.10
N LEU C 89 -12.74 6.06 -39.79
CA LEU C 89 -12.14 5.08 -38.88
C LEU C 89 -13.17 4.29 -38.07
N LEU C 90 -14.44 4.66 -38.17
CA LEU C 90 -15.51 4.04 -37.41
C LEU C 90 -16.67 3.69 -38.32
N SER C 91 -17.29 2.54 -38.07
CA SER C 91 -18.41 2.04 -38.87
C SER C 91 -19.64 1.91 -37.96
N PHE C 92 -20.60 2.82 -38.14
CA PHE C 92 -21.84 2.80 -37.35
C PHE C 92 -22.74 1.62 -37.75
N SER C 93 -23.42 1.04 -36.77
CA SER C 93 -24.38 0.00 -37.08
C SER C 93 -25.65 0.20 -36.24
N LYS C 94 -26.75 -0.38 -36.73
CA LYS C 94 -28.05 -0.44 -36.08
C LYS C 94 -28.62 -1.81 -36.40
N LYS C 95 -29.14 -2.51 -35.40
CA LYS C 95 -29.34 -3.95 -35.58
C LYS C 95 -30.42 -4.49 -34.65
N GLN C 96 -31.06 -5.55 -35.14
CA GLN C 96 -31.86 -6.65 -34.50
C GLN C 96 -33.14 -6.10 -33.87
N ASP C 97 -33.42 -6.47 -32.61
CA ASP C 97 -34.72 -6.20 -31.99
C ASP C 97 -34.92 -4.70 -31.82
N ASP C 98 -33.99 -4.05 -31.14
CA ASP C 98 -34.10 -2.66 -30.70
C ASP C 98 -33.22 -1.77 -31.58
N LYS C 99 -33.83 -0.74 -32.15
CA LYS C 99 -33.23 0.14 -33.16
C LYS C 99 -33.18 1.59 -32.68
N ARG C 100 -33.37 1.85 -31.40
CA ARG C 100 -32.97 3.13 -30.85
C ARG C 100 -31.49 3.13 -30.48
N ASN C 101 -30.84 1.97 -30.59
CA ASN C 101 -29.45 1.79 -30.20
C ASN C 101 -28.55 1.80 -31.45
N THR C 102 -27.45 2.56 -31.37
CA THR C 102 -26.51 2.72 -32.46
C THR C 102 -25.16 2.12 -32.06
N TYR C 103 -24.72 1.13 -32.81
CA TYR C 103 -23.55 0.33 -32.45
C TYR C 103 -22.34 0.78 -33.26
N ILE C 104 -21.14 0.46 -32.73
CA ILE C 104 -19.89 0.92 -33.32
C ILE C 104 -18.94 -0.27 -33.45
N GLU C 105 -18.15 -0.27 -34.53
CA GLU C 105 -17.07 -1.21 -34.74
C GLU C 105 -15.92 -0.49 -35.44
N LEU C 106 -14.74 -1.09 -35.40
CA LEU C 106 -13.50 -0.45 -35.82
C LEU C 106 -13.10 -0.89 -37.22
N THR C 107 -13.02 0.07 -38.14
CA THR C 107 -12.64 -0.25 -39.50
C THR C 107 -11.13 -0.43 -39.62
N GLU C 108 -10.74 -1.06 -40.74
CA GLU C 108 -9.34 -1.31 -41.06
C GLU C 108 -8.49 -0.06 -40.89
N LYS C 109 -8.93 1.05 -41.48
CA LYS C 109 -8.21 2.30 -41.32
C LYS C 109 -8.03 2.65 -39.85
N GLY C 110 -9.07 2.37 -39.04
CA GLY C 110 -9.02 2.72 -37.61
C GLY C 110 -8.07 1.84 -36.83
N GLU C 111 -8.06 0.55 -37.11
CA GLU C 111 -7.11 -0.33 -36.42
C GLU C 111 -5.66 0.11 -36.68
N GLU C 112 -5.33 0.48 -37.93
CA GLU C 112 -3.92 0.75 -38.28
C GLU C 112 -3.40 2.01 -37.60
N VAL C 113 -4.22 3.07 -37.53
CA VAL C 113 -3.82 4.29 -36.85
C VAL C 113 -3.63 4.03 -35.36
N LEU C 114 -4.43 3.13 -34.79
CA LEU C 114 -4.18 2.74 -33.41
C LEU C 114 -2.76 2.17 -33.27
N MET C 115 -2.48 1.11 -34.02
CA MET C 115 -1.20 0.40 -33.88
C MET C 115 -0.04 1.30 -34.26
N LYS C 116 -0.26 2.21 -35.21
CA LYS C 116 0.83 3.11 -35.60
C LYS C 116 1.13 4.09 -34.48
N LEU C 117 0.10 4.68 -33.88
CA LEU C 117 0.28 5.45 -32.66
C LEU C 117 0.95 4.60 -31.58
N MET C 118 0.65 3.30 -31.57
CA MET C 118 1.30 2.41 -30.62
C MET C 118 2.78 2.28 -30.90
N GLU C 119 3.16 2.39 -32.17
CA GLU C 119 4.57 2.42 -32.51
C GLU C 119 5.21 3.69 -31.98
N THR C 120 4.60 4.86 -32.22
CA THR C 120 5.24 6.10 -31.80
C THR C 120 5.32 6.25 -30.29
N TYR C 121 4.75 5.32 -29.52
CA TYR C 121 4.79 5.44 -28.07
C TYR C 121 6.23 5.45 -27.57
N ASP C 122 6.60 6.53 -26.90
CA ASP C 122 7.84 6.57 -26.15
C ASP C 122 7.54 6.83 -24.67
N PRO C 123 7.58 5.82 -23.81
CA PRO C 123 7.28 6.07 -22.40
C PRO C 123 8.11 7.17 -21.77
N THR C 124 9.31 7.48 -22.26
CA THR C 124 10.13 8.43 -21.52
C THR C 124 9.62 9.86 -21.66
N LYS C 125 8.90 10.17 -22.75
CA LYS C 125 8.27 11.49 -22.87
C LYS C 125 7.05 11.67 -21.96
N ASN C 126 6.45 10.58 -21.48
CA ASN C 126 5.33 10.64 -20.55
C ASN C 126 5.85 10.88 -19.14
N ALA C 127 5.39 11.94 -18.49
CA ALA C 127 5.95 12.28 -17.18
C ALA C 127 5.45 11.38 -16.04
N VAL C 128 4.24 10.78 -16.16
CA VAL C 128 3.75 9.91 -15.08
C VAL C 128 4.49 8.58 -15.07
N PHE C 129 4.79 8.04 -16.26
CA PHE C 129 5.73 6.93 -16.36
C PHE C 129 7.01 7.24 -15.58
N ASN C 130 7.69 8.35 -15.93
CA ASN C 130 8.96 8.70 -15.27
C ASN C 130 8.78 8.82 -13.76
N GLY C 131 7.67 9.44 -13.33
CA GLY C 131 7.42 9.65 -11.90
C GLY C 131 7.21 8.37 -11.13
N ALA C 132 6.71 7.31 -11.78
CA ALA C 132 6.62 5.99 -11.16
C ALA C 132 7.91 5.15 -11.25
N LEU C 133 8.86 5.49 -12.13
CA LEU C 133 10.08 4.67 -12.23
C LEU C 133 10.81 4.51 -10.92
N PRO C 134 11.00 5.54 -10.09
CA PRO C 134 11.68 5.28 -8.80
C PRO C 134 10.99 4.20 -7.99
N LEU C 135 9.65 4.23 -7.96
CA LEU C 135 8.91 3.21 -7.22
C LEU C 135 9.14 1.83 -7.81
N ARG C 136 9.15 1.74 -9.14
CA ARG C 136 9.28 0.43 -9.77
C ARG C 136 10.63 -0.21 -9.45
N GLU C 137 11.67 0.59 -9.29
CA GLU C 137 12.94 0.00 -8.90
C GLU C 137 12.81 -0.71 -7.56
N LEU C 138 12.24 -0.04 -6.57
CA LEU C 138 12.24 -0.61 -5.23
C LEU C 138 11.29 -1.79 -5.15
N TYR C 139 10.13 -1.69 -5.79
CA TYR C 139 9.13 -2.76 -5.71
C TYR C 139 9.55 -3.97 -6.53
N GLY C 140 10.11 -3.74 -7.69
CA GLY C 140 10.24 -4.78 -8.68
C GLY C 140 9.29 -4.62 -9.84
N LYS C 141 8.07 -4.13 -9.59
CA LYS C 141 7.08 -3.93 -10.63
C LYS C 141 6.58 -2.50 -10.53
N PHE C 142 5.74 -2.11 -11.48
CA PHE C 142 5.18 -0.76 -11.39
C PHE C 142 4.22 -0.66 -10.20
N PRO C 143 3.85 0.57 -9.79
CA PRO C 143 2.91 0.69 -8.66
C PRO C 143 1.55 0.14 -9.04
N GLU C 144 0.96 -0.57 -8.11
CA GLU C 144 -0.34 -1.08 -8.42
C GLU C 144 -1.46 -0.07 -8.18
N ILE C 145 -1.19 1.06 -7.52
CA ILE C 145 -2.17 2.08 -7.17
C ILE C 145 -3.53 1.44 -6.86
N LEU C 146 -3.54 0.52 -5.91
CA LEU C 146 -4.73 -0.25 -5.62
C LEU C 146 -5.80 0.60 -4.95
N GLU C 147 -5.39 1.49 -4.04
CA GLU C 147 -6.36 2.28 -3.32
C GLU C 147 -7.23 3.10 -4.26
N MET C 148 -6.67 3.61 -5.36
CA MET C 148 -7.56 4.31 -6.27
C MET C 148 -8.31 3.35 -7.17
N MET C 149 -7.75 2.16 -7.41
CA MET C 149 -8.50 1.15 -8.15
C MET C 149 -9.76 0.74 -7.37
N CYS C 150 -9.63 0.58 -6.05
CA CYS C 150 -10.81 0.27 -5.25
C CYS C 150 -11.80 1.42 -5.26
N ILE C 151 -11.30 2.64 -5.14
CA ILE C 151 -12.18 3.79 -5.15
C ILE C 151 -12.87 3.91 -6.51
N VAL C 152 -12.11 3.76 -7.60
CA VAL C 152 -12.73 3.98 -8.89
C VAL C 152 -13.80 2.91 -9.16
N ARG C 153 -13.58 1.68 -8.68
CA ARG C 153 -14.59 0.63 -8.84
C ARG C 153 -15.89 0.95 -8.10
N ASN C 154 -15.78 1.29 -6.81
CA ASN C 154 -16.96 1.59 -6.01
C ASN C 154 -17.80 2.71 -6.63
N ILE C 155 -17.17 3.61 -7.35
CA ILE C 155 -17.91 4.68 -8.01
C ILE C 155 -18.55 4.18 -9.31
N TYR C 156 -17.82 3.43 -10.11
CA TYR C 156 -18.22 3.15 -11.48
C TYR C 156 -18.79 1.76 -11.66
N GLY C 157 -18.50 0.85 -10.74
CA GLY C 157 -19.03 -0.49 -10.80
C GLY C 157 -18.12 -1.46 -11.51
N ASP C 158 -18.29 -2.75 -11.17
CA ASP C 158 -17.40 -3.78 -11.68
C ASP C 158 -17.51 -3.94 -13.19
N ASP C 159 -18.66 -3.61 -13.78
CA ASP C 159 -18.76 -3.67 -15.22
C ASP C 159 -17.77 -2.74 -15.88
N PHE C 160 -17.65 -1.52 -15.34
CA PHE C 160 -16.76 -0.53 -15.92
C PHE C 160 -15.32 -1.01 -15.89
N MET C 161 -14.89 -1.58 -14.76
CA MET C 161 -13.52 -2.05 -14.62
C MET C 161 -13.18 -3.21 -15.54
N GLU C 162 -14.09 -3.60 -16.44
CA GLU C 162 -13.72 -4.63 -17.39
C GLU C 162 -12.77 -4.10 -18.46
N ILE C 163 -12.75 -2.79 -18.65
CA ILE C 163 -11.86 -2.20 -19.65
C ILE C 163 -10.41 -2.41 -19.23
N PHE C 164 -10.09 -2.20 -17.94
CA PHE C 164 -8.74 -2.52 -17.47
C PHE C 164 -8.40 -3.96 -17.81
N GLU C 165 -9.31 -4.89 -17.53
CA GLU C 165 -9.01 -6.31 -17.67
C GLU C 165 -8.93 -6.71 -19.14
N ARG C 166 -9.78 -6.11 -19.98
CA ARG C 166 -9.72 -6.42 -21.40
C ARG C 166 -8.45 -5.84 -22.01
N ALA C 167 -8.10 -4.60 -21.67
CA ALA C 167 -6.89 -3.99 -22.21
C ALA C 167 -5.64 -4.72 -21.76
N PHE C 168 -5.57 -5.12 -20.48
CA PHE C 168 -4.43 -5.87 -20.00
C PHE C 168 -4.16 -7.10 -20.86
N GLU C 169 -5.17 -7.94 -21.07
CA GLU C 169 -4.95 -9.20 -21.79
C GLU C 169 -4.66 -8.97 -23.25
N ASN C 170 -5.44 -8.12 -23.92
CA ASN C 170 -5.23 -7.87 -25.33
C ASN C 170 -3.83 -7.33 -25.61
N ILE C 171 -3.45 -6.25 -24.92
CA ILE C 171 -2.12 -5.68 -25.14
C ILE C 171 -1.03 -6.71 -24.83
N LYS C 172 -1.25 -7.55 -23.79
CA LYS C 172 -0.19 -8.48 -23.39
C LYS C 172 0.15 -9.45 -24.51
N GLU C 173 -0.84 -9.93 -25.27
CA GLU C 173 -0.57 -10.92 -26.30
C GLU C 173 -1.10 -10.58 -27.71
N ASP C 174 -1.71 -9.42 -27.91
CA ASP C 174 -1.93 -8.93 -29.28
C ASP C 174 -0.75 -8.11 -29.79
N PHE C 175 0.29 -7.95 -28.98
CA PHE C 175 1.42 -7.11 -29.32
C PHE C 175 2.72 -7.79 -28.90
N ILE C 176 3.82 -7.27 -29.44
CA ILE C 176 5.17 -7.72 -29.12
C ILE C 176 6.12 -6.56 -29.38
N GLU C 177 7.36 -6.71 -28.91
CA GLU C 177 8.36 -5.64 -28.92
C GLU C 177 9.38 -5.87 -30.03
N GLN C 178 9.61 -4.85 -30.84
CA GLN C 178 10.55 -4.89 -31.96
C GLN C 178 11.22 -3.54 -32.09
N ASP C 179 12.55 -3.51 -31.94
CA ASP C 179 13.33 -2.28 -32.08
C ASP C 179 12.86 -1.20 -31.10
N GLY C 180 12.50 -1.62 -29.89
CA GLY C 180 11.93 -0.70 -28.92
C GLY C 180 10.58 -0.15 -29.32
N LYS C 181 9.79 -0.93 -30.04
CA LYS C 181 8.47 -0.51 -30.50
C LYS C 181 7.48 -1.62 -30.24
N LEU C 182 6.26 -1.26 -29.86
CA LEU C 182 5.19 -2.24 -29.76
C LEU C 182 4.57 -2.39 -31.15
N VAL C 183 4.40 -3.64 -31.59
CA VAL C 183 3.83 -3.96 -32.90
C VAL C 183 3.04 -5.26 -32.76
N LYS C 184 2.18 -5.52 -33.75
CA LYS C 184 1.37 -6.73 -33.74
C LYS C 184 2.12 -7.96 -34.27
N HIS D 7 15.54 -2.53 -15.47
CA HIS D 7 15.06 -1.64 -16.54
C HIS D 7 13.54 -1.82 -16.73
N TYR D 8 13.02 -1.94 -17.96
CA TYR D 8 11.58 -2.10 -18.19
C TYR D 8 11.33 -2.57 -19.62
N SER D 9 10.14 -3.12 -19.84
CA SER D 9 9.69 -3.49 -21.17
C SER D 9 8.81 -2.38 -21.73
N ILE D 10 8.68 -2.33 -23.05
CA ILE D 10 7.73 -1.37 -23.61
C ILE D 10 6.29 -1.87 -23.44
N LYS D 11 6.09 -3.19 -23.40
CA LYS D 11 4.79 -3.72 -23.03
C LYS D 11 4.48 -3.38 -21.58
N GLU D 12 5.43 -3.66 -20.68
CA GLU D 12 5.22 -3.35 -19.28
C GLU D 12 5.05 -1.85 -19.08
N ALA D 13 5.71 -1.04 -19.90
CA ALA D 13 5.60 0.40 -19.73
C ALA D 13 4.20 0.89 -20.07
N MET D 14 3.64 0.37 -21.15
CA MET D 14 2.32 0.83 -21.56
C MET D 14 1.20 0.09 -20.85
N LEU D 15 1.50 -1.05 -20.25
CA LEU D 15 0.52 -1.66 -19.36
C LEU D 15 0.25 -0.75 -18.17
N PHE D 16 1.27 0.00 -17.75
CA PHE D 16 1.11 0.94 -16.65
C PHE D 16 0.52 2.26 -17.15
N SER D 17 1.00 2.75 -18.30
CA SER D 17 0.52 4.03 -18.81
C SER D 17 -0.99 4.02 -19.02
N GLN D 18 -1.53 2.97 -19.63
CA GLN D 18 -2.97 2.94 -19.86
C GLN D 18 -3.75 2.80 -18.54
N ARG D 19 -3.19 2.08 -17.56
CA ARG D 19 -3.96 1.81 -16.33
C ARG D 19 -4.13 3.09 -15.53
N ILE D 20 -3.12 3.97 -15.55
CA ILE D 20 -3.20 5.22 -14.81
C ILE D 20 -3.88 6.31 -15.64
N ALA D 21 -3.75 6.25 -16.97
CA ALA D 21 -4.58 7.13 -17.79
C ALA D 21 -6.05 6.92 -17.47
N GLN D 22 -6.50 5.67 -17.51
CA GLN D 22 -7.91 5.37 -17.32
C GLN D 22 -8.36 5.65 -15.88
N LEU D 23 -7.51 5.32 -14.89
CA LEU D 23 -7.84 5.66 -13.50
C LEU D 23 -7.94 7.17 -13.31
N SER D 24 -6.88 7.90 -13.71
CA SER D 24 -6.84 9.36 -13.63
C SER D 24 -8.09 10.00 -14.22
N LYS D 25 -8.53 9.51 -15.38
CA LYS D 25 -9.66 10.14 -16.04
C LYS D 25 -10.93 9.86 -15.26
N ALA D 26 -11.18 8.59 -14.94
CA ALA D 26 -12.29 8.23 -14.08
C ALA D 26 -12.28 9.04 -12.79
N LEU D 27 -11.15 9.08 -12.09
CA LEU D 27 -11.14 9.77 -10.81
C LEU D 27 -11.36 11.27 -10.98
N TRP D 28 -10.71 11.90 -11.96
CA TRP D 28 -10.85 13.35 -12.07
C TRP D 28 -12.27 13.74 -12.47
N LYS D 29 -12.96 12.89 -13.22
CA LYS D 29 -14.28 13.32 -13.67
C LYS D 29 -15.37 13.11 -12.61
N SER D 30 -15.24 12.14 -11.69
CA SER D 30 -16.18 12.20 -10.59
C SER D 30 -15.81 13.32 -9.63
N ILE D 31 -14.54 13.70 -9.56
CA ILE D 31 -14.27 14.86 -8.73
C ILE D 31 -14.74 16.14 -9.42
N GLU D 32 -14.57 16.23 -10.73
CA GLU D 32 -14.96 17.42 -11.47
C GLU D 32 -16.38 17.81 -11.19
N LYS D 33 -17.29 16.85 -11.38
CA LYS D 33 -18.71 17.22 -11.37
C LYS D 33 -19.23 17.37 -9.94
N ASP D 34 -18.62 16.70 -8.96
CA ASP D 34 -18.99 16.99 -7.58
C ASP D 34 -18.53 18.36 -7.14
N TRP D 35 -17.37 18.79 -7.65
CA TRP D 35 -16.83 20.12 -7.32
C TRP D 35 -17.64 21.22 -7.98
N GLN D 36 -18.07 21.01 -9.23
CA GLN D 36 -18.88 21.99 -9.93
C GLN D 36 -20.22 22.21 -9.23
N ARG D 37 -20.95 21.13 -8.95
CA ARG D 37 -22.24 21.21 -8.27
C ARG D 37 -22.16 22.01 -6.98
N TRP D 38 -21.11 21.76 -6.19
CA TRP D 38 -20.94 22.48 -4.93
C TRP D 38 -20.85 23.99 -5.14
N ILE D 39 -20.18 24.45 -6.21
CA ILE D 39 -19.84 25.89 -6.34
C ILE D 39 -20.74 26.67 -7.31
N LYS D 40 -21.50 26.02 -8.17
CA LYS D 40 -22.44 26.79 -8.99
C LYS D 40 -23.42 27.63 -8.17
N PRO D 41 -23.92 27.17 -7.00
CA PRO D 41 -24.78 28.06 -6.20
C PRO D 41 -24.21 29.44 -5.98
N PHE D 42 -22.90 29.55 -5.73
CA PHE D 42 -22.26 30.85 -5.59
C PHE D 42 -21.63 31.33 -6.90
N ASP D 43 -22.08 30.76 -8.02
CA ASP D 43 -21.65 31.06 -9.39
C ASP D 43 -20.13 31.30 -9.52
N LEU D 44 -19.38 30.28 -9.14
CA LEU D 44 -17.95 30.14 -9.32
C LEU D 44 -17.72 28.97 -10.27
N ASN D 45 -16.54 28.92 -10.88
CA ASN D 45 -16.08 27.71 -11.55
C ASN D 45 -14.91 27.11 -10.78
N ILE D 46 -14.54 25.88 -11.17
CA ILE D 46 -13.53 25.14 -10.43
C ILE D 46 -12.24 25.96 -10.34
N ASN D 47 -11.74 26.44 -11.47
CA ASN D 47 -10.47 27.13 -11.42
C ASN D 47 -10.56 28.44 -10.67
N GLU D 48 -11.72 29.08 -10.66
CA GLU D 48 -11.88 30.27 -9.83
C GLU D 48 -11.85 29.90 -8.35
N HIS D 49 -12.49 28.78 -7.99
CA HIS D 49 -12.55 28.37 -6.60
C HIS D 49 -11.19 27.92 -6.13
N HIS D 50 -10.45 27.24 -7.01
CA HIS D 50 -9.07 26.89 -6.71
C HIS D 50 -8.24 28.15 -6.42
N ILE D 51 -8.32 29.16 -7.29
CA ILE D 51 -7.60 30.41 -7.07
C ILE D 51 -7.91 30.99 -5.69
N LEU D 52 -9.19 30.95 -5.26
CA LEU D 52 -9.54 31.52 -3.97
C LEU D 52 -8.94 30.72 -2.84
N TRP D 53 -8.84 29.39 -3.00
CA TRP D 53 -8.17 28.61 -1.99
C TRP D 53 -6.65 28.76 -2.08
N ILE D 54 -6.08 28.89 -3.30
CA ILE D 54 -4.63 29.15 -3.38
C ILE D 54 -4.28 30.41 -2.63
N ALA D 55 -5.02 31.50 -2.89
CA ALA D 55 -4.68 32.78 -2.31
C ALA D 55 -4.99 32.83 -0.82
N TYR D 56 -5.99 32.06 -0.36
CA TYR D 56 -6.24 31.97 1.07
C TYR D 56 -5.05 31.32 1.76
N HIS D 57 -4.59 30.18 1.25
CA HIS D 57 -3.47 29.47 1.88
C HIS D 57 -2.14 30.18 1.62
N PHE D 58 -1.97 30.77 0.43
CA PHE D 58 -0.75 31.48 0.07
C PHE D 58 -1.11 32.96 -0.18
N LYS D 59 -1.20 33.76 0.87
CA LYS D 59 -1.49 35.18 0.65
C LYS D 59 -0.33 35.80 -0.12
N GLY D 60 -0.66 36.72 -1.03
CA GLY D 60 0.37 37.38 -1.82
C GLY D 60 1.02 36.56 -2.93
N ALA D 61 0.38 35.50 -3.39
CA ALA D 61 0.94 34.69 -4.47
C ALA D 61 0.97 35.44 -5.79
N SER D 62 2.01 35.19 -6.59
CA SER D 62 2.16 35.65 -7.97
C SER D 62 1.17 34.91 -8.88
N ILE D 63 0.87 35.53 -10.02
CA ILE D 63 0.08 34.83 -11.02
C ILE D 63 0.71 33.50 -11.38
N SER D 64 2.03 33.48 -11.66
CA SER D 64 2.70 32.23 -12.02
C SER D 64 2.64 31.21 -10.89
N GLU D 65 2.84 31.66 -9.66
CA GLU D 65 2.78 30.75 -8.51
C GLU D 65 1.39 30.14 -8.34
N ILE D 66 0.35 30.97 -8.43
CA ILE D 66 -1.03 30.50 -8.44
C ILE D 66 -1.21 29.44 -9.53
N ALA D 67 -0.64 29.68 -10.71
CA ALA D 67 -0.78 28.68 -11.76
C ALA D 67 -0.04 27.39 -11.41
N LYS D 68 1.06 27.49 -10.65
CA LYS D 68 1.73 26.27 -10.21
C LYS D 68 0.80 25.45 -9.32
N PHE D 69 0.39 26.03 -8.18
CA PHE D 69 -0.37 25.30 -7.17
C PHE D 69 -1.72 24.83 -7.67
N GLY D 70 -2.36 25.59 -8.55
CA GLY D 70 -3.68 25.20 -9.01
C GLY D 70 -3.69 24.47 -10.33
N VAL D 71 -2.59 23.82 -10.72
CA VAL D 71 -2.51 23.05 -11.95
C VAL D 71 -3.22 23.76 -13.09
N MET D 72 -2.87 25.00 -13.36
CA MET D 72 -3.48 25.67 -14.50
C MET D 72 -2.46 26.57 -15.19
N HIS D 73 -2.73 26.80 -16.46
CA HIS D 73 -1.99 27.76 -17.26
C HIS D 73 -2.01 29.16 -16.67
N VAL D 74 -0.91 29.88 -16.86
CA VAL D 74 -0.72 31.24 -16.32
C VAL D 74 -1.69 32.23 -16.98
N SER D 75 -2.19 31.89 -18.16
CA SER D 75 -3.18 32.72 -18.85
C SER D 75 -4.57 32.51 -18.26
N THR D 76 -4.86 31.27 -17.85
CA THR D 76 -6.17 31.03 -17.25
C THR D 76 -6.22 31.60 -15.84
N ALA D 77 -5.15 31.45 -15.08
CA ALA D 77 -5.16 31.99 -13.75
C ALA D 77 -5.23 33.51 -13.81
N PHE D 78 -4.62 34.12 -14.82
CA PHE D 78 -4.73 35.58 -14.97
C PHE D 78 -6.17 35.99 -15.29
N ASN D 79 -6.77 35.36 -16.31
CA ASN D 79 -8.10 35.78 -16.77
C ASN D 79 -9.16 35.47 -15.73
N PHE D 80 -9.08 34.31 -15.08
CA PHE D 80 -10.03 34.00 -14.02
C PHE D 80 -9.72 34.82 -12.77
N SER D 81 -8.45 35.14 -12.49
CA SER D 81 -8.17 36.09 -11.41
C SER D 81 -8.79 37.45 -11.71
N LYS D 82 -8.80 37.85 -12.97
CA LYS D 82 -9.41 39.12 -13.34
C LYS D 82 -10.89 39.11 -13.03
N LYS D 83 -11.60 38.06 -13.49
CA LYS D 83 -13.04 37.92 -13.28
C LYS D 83 -13.39 37.90 -11.80
N LEU D 84 -12.44 37.49 -10.96
CA LEU D 84 -12.65 37.50 -9.52
C LEU D 84 -12.48 38.89 -8.96
N GLU D 85 -11.63 39.69 -9.60
CA GLU D 85 -11.51 41.10 -9.26
C GLU D 85 -12.74 41.88 -9.69
N GLU D 86 -13.36 41.52 -10.84
CA GLU D 86 -14.55 42.24 -11.29
C GLU D 86 -15.78 41.88 -10.44
N LYS D 87 -15.83 40.65 -9.91
CA LYS D 87 -16.81 40.22 -8.93
C LYS D 87 -16.41 40.59 -7.49
N GLY D 88 -15.32 41.31 -7.30
CA GLY D 88 -15.03 41.86 -5.99
C GLY D 88 -14.40 40.94 -4.97
N LEU D 89 -13.83 39.79 -5.37
CA LEU D 89 -13.30 38.83 -4.39
C LEU D 89 -11.78 38.73 -4.32
N LEU D 90 -11.01 39.34 -5.24
CA LEU D 90 -9.54 39.27 -5.18
C LEU D 90 -8.90 40.63 -5.41
N SER D 91 -7.86 40.93 -4.63
CA SER D 91 -7.15 42.21 -4.71
C SER D 91 -5.80 42.07 -5.43
N PHE D 92 -5.58 42.90 -6.46
CA PHE D 92 -4.42 42.85 -7.34
C PHE D 92 -3.36 43.84 -6.90
N SER D 93 -2.15 43.36 -6.62
CA SER D 93 -1.08 44.23 -6.13
C SER D 93 0.16 44.15 -7.03
N LYS D 94 1.03 45.17 -6.92
CA LYS D 94 2.33 45.20 -7.59
C LYS D 94 3.37 45.62 -6.55
N LYS D 95 4.62 45.27 -6.82
CA LYS D 95 5.73 45.56 -5.92
C LYS D 95 6.78 46.37 -6.67
N GLN D 96 7.25 47.46 -6.05
CA GLN D 96 8.03 48.45 -6.80
C GLN D 96 9.41 47.92 -7.18
N ASP D 97 9.91 46.94 -6.44
CA ASP D 97 11.24 46.41 -6.72
C ASP D 97 11.27 45.65 -8.03
N ASP D 98 10.27 44.78 -8.27
CA ASP D 98 10.13 44.10 -9.56
C ASP D 98 8.67 44.20 -10.02
N LYS D 99 8.45 44.98 -11.07
CA LYS D 99 7.12 45.42 -11.49
C LYS D 99 6.49 44.57 -12.58
N ARG D 100 7.16 43.52 -13.05
CA ARG D 100 6.46 42.66 -14.00
C ARG D 100 5.60 41.65 -13.26
N ASN D 101 5.79 41.51 -11.94
CA ASN D 101 4.98 40.63 -11.11
C ASN D 101 3.67 41.29 -10.73
N THR D 102 2.66 40.45 -10.42
CA THR D 102 1.31 40.90 -10.08
C THR D 102 0.74 39.94 -9.05
N TYR D 103 0.67 40.39 -7.81
CA TYR D 103 0.32 39.55 -6.67
C TYR D 103 -1.15 39.67 -6.27
N ILE D 104 -1.71 38.54 -5.83
CA ILE D 104 -3.15 38.36 -5.60
C ILE D 104 -3.40 38.22 -4.11
N GLU D 105 -4.52 38.74 -3.64
CA GLU D 105 -4.89 38.61 -2.24
C GLU D 105 -6.40 38.65 -2.10
N LEU D 106 -6.93 37.65 -1.38
CA LEU D 106 -8.35 37.58 -1.07
C LEU D 106 -8.82 38.85 -0.37
N THR D 107 -9.92 39.43 -0.87
CA THR D 107 -10.67 40.41 -0.08
C THR D 107 -11.65 39.71 0.85
N GLU D 108 -12.08 40.46 1.86
CA GLU D 108 -12.95 39.90 2.90
C GLU D 108 -14.26 39.39 2.32
N LYS D 109 -14.75 40.02 1.25
CA LYS D 109 -15.85 39.41 0.52
C LYS D 109 -15.42 38.06 -0.04
N GLY D 110 -14.14 37.94 -0.46
CA GLY D 110 -13.61 36.68 -0.99
C GLY D 110 -13.48 35.59 0.07
N GLU D 111 -13.04 35.96 1.27
CA GLU D 111 -12.96 34.98 2.35
C GLU D 111 -14.36 34.47 2.73
N GLU D 112 -15.35 35.36 2.72
CA GLU D 112 -16.67 34.96 3.20
C GLU D 112 -17.31 33.94 2.28
N VAL D 113 -17.10 34.08 0.96
CA VAL D 113 -17.74 33.13 0.05
C VAL D 113 -17.07 31.77 0.18
N LEU D 114 -15.76 31.77 0.41
CA LEU D 114 -15.07 30.51 0.60
C LEU D 114 -15.62 29.77 1.81
N MET D 115 -15.83 30.48 2.93
CA MET D 115 -16.21 29.79 4.17
C MET D 115 -17.70 29.51 4.24
N LYS D 116 -18.51 30.20 3.42
CA LYS D 116 -19.89 29.76 3.28
C LYS D 116 -19.95 28.48 2.45
N LEU D 117 -19.07 28.35 1.46
CA LEU D 117 -19.00 27.10 0.68
C LEU D 117 -18.45 25.98 1.54
N MET D 118 -17.53 26.30 2.44
CA MET D 118 -17.08 25.36 3.44
C MET D 118 -18.23 24.86 4.30
N GLU D 119 -19.21 25.71 4.57
CA GLU D 119 -20.36 25.29 5.36
C GLU D 119 -21.39 24.54 4.50
N THR D 120 -21.39 24.80 3.20
CA THR D 120 -22.20 24.08 2.22
C THR D 120 -21.75 22.63 2.03
N TYR D 121 -20.56 22.30 2.51
CA TYR D 121 -19.93 21.04 2.15
C TYR D 121 -20.67 19.88 2.80
N ASP D 122 -21.14 18.95 1.97
CA ASP D 122 -21.71 17.70 2.46
C ASP D 122 -20.93 16.57 1.89
N PRO D 123 -20.09 15.87 2.66
CA PRO D 123 -19.37 14.71 2.13
C PRO D 123 -20.24 13.71 1.42
N THR D 124 -21.46 13.48 1.88
CA THR D 124 -22.19 12.34 1.35
C THR D 124 -22.65 12.57 -0.08
N LYS D 125 -22.60 13.79 -0.58
CA LYS D 125 -22.89 13.99 -1.99
C LYS D 125 -21.67 13.80 -2.88
N ASN D 126 -20.48 13.69 -2.29
CA ASN D 126 -19.24 13.51 -3.03
C ASN D 126 -19.03 12.01 -3.29
N ALA D 127 -18.86 11.64 -4.56
CA ALA D 127 -18.70 10.24 -4.92
C ALA D 127 -17.40 9.65 -4.38
N VAL D 128 -16.27 10.36 -4.53
CA VAL D 128 -14.96 9.82 -4.16
C VAL D 128 -14.87 9.58 -2.66
N PHE D 129 -15.49 10.45 -1.87
CA PHE D 129 -15.61 10.20 -0.44
C PHE D 129 -16.34 8.88 -0.18
N ASN D 130 -17.48 8.66 -0.85
CA ASN D 130 -18.25 7.45 -0.58
C ASN D 130 -17.52 6.21 -1.11
N GLY D 131 -16.85 6.33 -2.25
CA GLY D 131 -16.00 5.26 -2.73
C GLY D 131 -14.89 4.90 -1.78
N ALA D 132 -14.48 5.84 -0.92
CA ALA D 132 -13.39 5.61 0.01
C ALA D 132 -13.84 5.14 1.40
N LEU D 133 -15.12 5.24 1.73
CA LEU D 133 -15.58 4.84 3.06
C LEU D 133 -15.31 3.38 3.37
N PRO D 134 -15.54 2.41 2.47
CA PRO D 134 -15.16 1.04 2.81
C PRO D 134 -13.69 0.90 3.22
N LEU D 135 -12.79 1.65 2.56
CA LEU D 135 -11.38 1.55 2.90
C LEU D 135 -11.08 2.20 4.24
N ARG D 136 -11.76 3.31 4.55
CA ARG D 136 -11.57 3.88 5.88
C ARG D 136 -12.06 2.95 6.98
N GLU D 137 -13.03 2.07 6.66
CA GLU D 137 -13.50 1.11 7.66
C GLU D 137 -12.38 0.16 8.09
N LEU D 138 -11.72 -0.51 7.13
CA LEU D 138 -10.66 -1.45 7.48
C LEU D 138 -9.46 -0.76 8.12
N TYR D 139 -9.06 0.38 7.55
CA TYR D 139 -7.80 0.99 7.97
C TYR D 139 -7.95 1.68 9.31
N GLY D 140 -9.09 2.29 9.55
CA GLY D 140 -9.23 3.19 10.65
C GLY D 140 -9.05 4.63 10.28
N LYS D 141 -8.41 4.90 9.14
CA LYS D 141 -8.20 6.24 8.62
C LYS D 141 -8.53 6.22 7.12
N PHE D 142 -8.57 7.39 6.51
CA PHE D 142 -8.87 7.41 5.08
C PHE D 142 -7.65 6.94 4.28
N PRO D 143 -7.85 6.56 3.00
CA PRO D 143 -6.69 6.14 2.20
C PRO D 143 -5.72 7.29 2.02
N GLU D 144 -4.42 6.95 1.99
CA GLU D 144 -3.39 7.94 1.77
C GLU D 144 -2.94 8.01 0.33
N ILE D 145 -3.35 7.06 -0.51
CA ILE D 145 -2.73 6.75 -1.82
C ILE D 145 -1.32 7.29 -1.96
N LEU D 146 -0.39 6.77 -1.15
CA LEU D 146 0.99 7.24 -1.17
C LEU D 146 1.62 7.18 -2.56
N GLU D 147 1.36 6.09 -3.30
CA GLU D 147 1.96 5.92 -4.62
C GLU D 147 1.65 7.10 -5.53
N MET D 148 0.43 7.64 -5.45
CA MET D 148 0.07 8.80 -6.27
C MET D 148 0.72 10.08 -5.74
N MET D 149 0.88 10.18 -4.42
CA MET D 149 1.63 11.31 -3.88
C MET D 149 3.09 11.26 -4.32
N CYS D 150 3.73 10.08 -4.24
CA CYS D 150 5.08 9.93 -4.76
C CYS D 150 5.17 10.37 -6.21
N ILE D 151 4.28 9.86 -7.06
CA ILE D 151 4.33 10.20 -8.47
C ILE D 151 4.16 11.71 -8.67
N VAL D 152 3.17 12.30 -7.99
CA VAL D 152 2.87 13.71 -8.21
C VAL D 152 4.00 14.60 -7.69
N ARG D 153 4.62 14.21 -6.57
CA ARG D 153 5.79 14.96 -6.12
C ARG D 153 6.95 14.92 -7.14
N ASN D 154 7.17 13.79 -7.78
CA ASN D 154 8.22 13.74 -8.77
C ASN D 154 7.86 14.54 -10.01
N ILE D 155 6.58 14.60 -10.38
CA ILE D 155 6.25 15.33 -11.60
C ILE D 155 6.28 16.84 -11.36
N TYR D 156 5.76 17.31 -10.24
CA TYR D 156 5.58 18.74 -9.99
C TYR D 156 6.64 19.35 -9.07
N GLY D 157 7.33 18.54 -8.29
CA GLY D 157 8.38 19.05 -7.42
C GLY D 157 7.86 19.35 -6.05
N ASP D 158 8.81 19.32 -5.08
CA ASP D 158 8.47 19.47 -3.67
C ASP D 158 7.80 20.81 -3.35
N ASP D 159 7.96 21.84 -4.18
CA ASP D 159 7.40 23.14 -3.80
C ASP D 159 5.91 23.18 -4.05
N PHE D 160 5.48 22.65 -5.20
CA PHE D 160 4.08 22.38 -5.42
C PHE D 160 3.47 21.66 -4.22
N MET D 161 4.12 20.60 -3.76
CA MET D 161 3.57 19.77 -2.71
C MET D 161 3.38 20.51 -1.38
N GLU D 162 3.78 21.79 -1.30
CA GLU D 162 3.53 22.56 -0.09
C GLU D 162 2.05 22.88 0.07
N ILE D 163 1.30 22.88 -1.03
CA ILE D 163 -0.11 23.20 -0.95
C ILE D 163 -0.84 22.16 -0.10
N PHE D 164 -0.52 20.88 -0.26
CA PHE D 164 -1.14 19.86 0.58
C PHE D 164 -0.89 20.12 2.06
N GLU D 165 0.34 20.52 2.39
CA GLU D 165 0.68 20.65 3.80
C GLU D 165 0.07 21.90 4.39
N ARG D 166 0.00 22.98 3.61
CA ARG D 166 -0.60 24.17 4.18
C ARG D 166 -2.10 24.00 4.31
N ALA D 167 -2.75 23.47 3.25
CA ALA D 167 -4.20 23.21 3.31
C ALA D 167 -4.54 22.27 4.46
N PHE D 168 -3.78 21.20 4.64
CA PHE D 168 -4.00 20.33 5.78
C PHE D 168 -4.03 21.11 7.09
N GLU D 169 -2.96 21.87 7.37
CA GLU D 169 -2.83 22.50 8.68
C GLU D 169 -3.80 23.67 8.85
N ASN D 170 -4.17 24.34 7.75
CA ASN D 170 -5.09 25.48 7.85
C ASN D 170 -6.50 25.01 8.14
N ILE D 171 -6.97 23.99 7.41
CA ILE D 171 -8.26 23.39 7.75
C ILE D 171 -8.23 22.86 9.17
N LYS D 172 -7.10 22.32 9.60
CA LYS D 172 -7.02 21.76 10.95
C LYS D 172 -7.23 22.82 12.03
N GLU D 173 -6.56 23.97 11.91
CA GLU D 173 -6.60 24.97 12.97
C GLU D 173 -7.59 26.11 12.72
N ASP D 174 -7.82 26.51 11.47
CA ASP D 174 -8.66 27.68 11.23
C ASP D 174 -10.16 27.38 11.29
N PHE D 175 -10.55 26.10 11.32
CA PHE D 175 -11.96 25.74 11.28
C PHE D 175 -12.32 24.81 12.42
N ILE D 176 -13.62 24.80 12.74
CA ILE D 176 -14.15 24.01 13.83
C ILE D 176 -15.53 23.48 13.42
N GLU D 177 -15.96 22.39 14.06
CA GLU D 177 -17.23 21.73 13.77
C GLU D 177 -18.30 22.25 14.73
N GLN D 178 -19.30 22.94 14.19
CA GLN D 178 -20.50 23.36 14.92
C GLN D 178 -21.73 22.85 14.17
N ASP D 179 -22.54 22.03 14.84
CA ASP D 179 -23.78 21.52 14.27
C ASP D 179 -23.53 20.81 12.94
N GLY D 180 -22.59 19.87 12.94
CA GLY D 180 -22.33 19.05 11.77
C GLY D 180 -21.89 19.78 10.52
N LYS D 181 -21.33 20.98 10.64
CA LYS D 181 -20.81 21.75 9.52
C LYS D 181 -19.49 22.37 9.94
N LEU D 182 -18.57 22.50 8.98
CA LEU D 182 -17.29 23.17 9.27
C LEU D 182 -17.52 24.67 9.26
N VAL D 183 -17.13 25.35 10.35
CA VAL D 183 -17.30 26.79 10.51
C VAL D 183 -16.03 27.37 11.13
N LYS D 184 -15.80 28.65 10.85
CA LYS D 184 -14.65 29.33 11.42
C LYS D 184 -14.83 29.62 12.90
#